data_8CP2
#
_entry.id   8CP2
#
_cell.length_a   244.591
_cell.length_b   244.591
_cell.length_c   128.114
_cell.angle_alpha   90.00
_cell.angle_beta   90.00
_cell.angle_gamma   120.00
#
_symmetry.space_group_name_H-M   'H 3'
#
loop_
_entity.id
_entity.type
_entity.pdbx_description
1 polymer 'FAD-binding protein'
2 non-polymer 'FLAVIN-ADENINE DINUCLEOTIDE'
3 non-polymer 'NADP NICOTINAMIDE-ADENINE-DINUCLEOTIDE PHOSPHATE'
4 non-polymer 'ASPARTIC ACID'
5 non-polymer '3-NITROPROPANOIC ACID'
6 non-polymer DI(HYDROXYETHYL)ETHER
7 non-polymer GLYCEROL
8 water water
#
_entity_poly.entity_id   1
_entity_poly.type   'polypeptide(L)'
_entity_poly.pdbx_seq_one_letter_code
;MPLSVAVVGAGPRGTSVLERLCASAPELLAPGVRLTVHVVDPAPPGPGRVWRTAQSEDLLMNTVASQVTLFTDESVNCSG
PILAGPSLHEWADGAIGPDDYPTRALYGRYLEWVFARTLRHAPPSVRVETHRARAVRLDDAADGRQHLALDNGRTLTGLS
AVVLAQGHLPVRPSAAVLRDTEHADRHALRHIPPANPADVDLTVISPGEPVLLRGLGLNFFDHMALLTTGRGGTYVREDG
VLRYVPSGREPRVYAGSRRGLPYQARGDNAKGPYGRHLPEVLTPEAVSAFRKRADSGEAPDFLRDIWPLVAKEVETVYYT
ALVRHPDFAPRYLSLPYGDPQEAELLAEFGVDADARWDWERVSRPYAQREFAHRGEWRQWLLGYLRADAAEALRGNVDGP
LKAALDVLRDLRNELRLVVDHRGLRGDSRRDHLDRWYTPLNAFLSIGPPRRRIEELTALLEAGVVEVLGPRLEVTREDGA
WLARSPDVPGSAVRVTTLIEARLPEPDLGQTADALLAHLRETGQCRAHVVDGYTTGGIDVSARPYHLVDREGVAHPRRFA
FGVPTEGVHWVTAAGARPGVDSVTLSDADAVARAVLRVAGQ
;
_entity_poly.pdbx_strand_id   A,B
#
# COMPACT_ATOMS: atom_id res chain seq x y z
N PRO A 2 24.23 -21.50 -35.37
CA PRO A 2 24.09 -20.45 -34.34
C PRO A 2 23.86 -21.02 -32.93
N LEU A 3 24.29 -20.32 -31.88
CA LEU A 3 24.27 -20.89 -30.51
C LEU A 3 22.82 -20.98 -30.01
N SER A 4 22.50 -22.06 -29.31
CA SER A 4 21.18 -22.34 -28.70
C SER A 4 21.35 -22.81 -27.26
N VAL A 5 20.42 -22.46 -26.39
CA VAL A 5 20.24 -23.13 -25.07
C VAL A 5 18.75 -23.39 -24.84
N ALA A 6 18.41 -24.24 -23.87
CA ALA A 6 17.01 -24.50 -23.52
C ALA A 6 16.82 -24.37 -22.00
N VAL A 7 15.71 -23.75 -21.65
CA VAL A 7 15.14 -23.79 -20.28
C VAL A 7 13.88 -24.65 -20.30
N VAL A 8 13.87 -25.76 -19.53
CA VAL A 8 12.72 -26.65 -19.32
C VAL A 8 12.04 -26.22 -18.03
N GLY A 9 10.91 -25.56 -18.21
CA GLY A 9 10.06 -25.04 -17.12
C GLY A 9 10.08 -23.54 -17.18
N ALA A 10 8.91 -22.92 -17.28
CA ALA A 10 8.79 -21.45 -17.36
C ALA A 10 7.79 -20.97 -16.27
N GLY A 11 7.88 -21.57 -15.08
CA GLY A 11 7.39 -21.01 -13.81
C GLY A 11 8.35 -19.91 -13.33
N PRO A 12 8.19 -19.47 -12.07
CA PRO A 12 9.06 -18.43 -11.53
C PRO A 12 10.57 -18.69 -11.73
N ARG A 13 11.02 -19.94 -11.53
CA ARG A 13 12.49 -20.24 -11.52
C ARG A 13 13.03 -20.19 -12.95
N GLY A 14 12.34 -20.80 -13.92
CA GLY A 14 12.77 -20.73 -15.32
C GLY A 14 12.70 -19.31 -15.86
N THR A 15 11.62 -18.57 -15.51
CA THR A 15 11.49 -17.16 -15.91
C THR A 15 12.65 -16.35 -15.35
N SER A 16 12.98 -16.55 -14.07
CA SER A 16 14.11 -15.86 -13.39
C SER A 16 15.42 -16.22 -14.08
N VAL A 17 15.65 -17.48 -14.48
CA VAL A 17 16.88 -17.84 -15.23
C VAL A 17 16.92 -17.00 -16.52
N LEU A 18 15.81 -16.90 -17.24
CA LEU A 18 15.79 -16.19 -18.55
C LEU A 18 16.04 -14.71 -18.30
N GLU A 19 15.50 -14.13 -17.23
CA GLU A 19 15.79 -12.70 -16.93
C GLU A 19 17.29 -12.51 -16.62
N ARG A 20 17.92 -13.44 -15.90
CA ARG A 20 19.36 -13.41 -15.52
C ARG A 20 20.19 -13.68 -16.79
N LEU A 21 19.75 -14.54 -17.70
CA LEU A 21 20.47 -14.78 -18.98
C LEU A 21 20.57 -13.44 -19.74
N CYS A 22 19.45 -12.74 -19.92
CA CYS A 22 19.38 -11.46 -20.64
C CYS A 22 20.26 -10.40 -19.96
N ALA A 23 20.35 -10.41 -18.64
CA ALA A 23 21.13 -9.43 -17.84
C ALA A 23 22.65 -9.57 -18.05
N SER A 24 23.18 -10.79 -18.16
CA SER A 24 24.63 -11.06 -18.21
C SER A 24 25.08 -11.27 -19.66
N ALA A 25 24.17 -11.41 -20.64
CA ALA A 25 24.54 -11.80 -22.01
C ALA A 25 25.45 -10.73 -22.63
N PRO A 26 25.24 -9.41 -22.36
CA PRO A 26 26.15 -8.39 -22.87
C PRO A 26 27.56 -8.56 -22.31
N GLU A 27 27.72 -8.96 -21.05
CA GLU A 27 29.10 -9.12 -20.54
C GLU A 27 29.69 -10.45 -21.05
N LEU A 28 28.96 -11.56 -21.16
CA LEU A 28 29.62 -12.89 -21.29
C LEU A 28 29.53 -13.47 -22.70
N LEU A 29 28.76 -12.90 -23.61
CA LEU A 29 28.82 -13.34 -25.04
C LEU A 29 29.72 -12.36 -25.78
N ALA A 30 30.59 -12.84 -26.66
CA ALA A 30 31.53 -12.02 -27.49
C ALA A 30 30.70 -11.12 -28.41
N PRO A 31 31.23 -9.96 -28.87
CA PRO A 31 30.44 -9.10 -29.77
C PRO A 31 30.05 -9.85 -31.06
N GLY A 32 28.85 -9.59 -31.57
CA GLY A 32 28.33 -10.20 -32.82
C GLY A 32 27.63 -11.54 -32.61
N VAL A 33 27.88 -12.24 -31.51
CA VAL A 33 27.28 -13.59 -31.23
C VAL A 33 25.79 -13.45 -30.92
N ARG A 34 24.93 -14.21 -31.58
CA ARG A 34 23.47 -14.33 -31.36
C ARG A 34 23.19 -15.62 -30.57
N LEU A 35 22.41 -15.59 -29.51
CA LEU A 35 22.02 -16.80 -28.73
C LEU A 35 20.51 -16.97 -28.81
N THR A 36 20.04 -18.13 -29.19
CA THR A 36 18.61 -18.44 -29.10
C THR A 36 18.38 -19.16 -27.77
N VAL A 37 17.45 -18.66 -26.96
CA VAL A 37 16.98 -19.35 -25.74
C VAL A 37 15.64 -19.97 -26.09
N HIS A 38 15.53 -21.31 -26.01
CA HIS A 38 14.26 -22.04 -26.17
C HIS A 38 13.65 -22.21 -24.80
N VAL A 39 12.42 -21.77 -24.64
CA VAL A 39 11.70 -21.86 -23.35
C VAL A 39 10.56 -22.85 -23.54
N VAL A 40 10.54 -23.93 -22.77
CA VAL A 40 9.66 -25.10 -22.99
C VAL A 40 8.79 -25.28 -21.73
N ASP A 41 7.46 -25.18 -21.85
CA ASP A 41 6.44 -25.43 -20.77
C ASP A 41 5.09 -25.74 -21.44
N PRO A 42 4.35 -26.78 -21.01
CA PRO A 42 3.01 -27.02 -21.54
C PRO A 42 2.04 -25.91 -21.10
N ALA A 43 2.43 -25.07 -20.14
CA ALA A 43 1.63 -23.93 -19.63
C ALA A 43 2.18 -22.63 -20.20
N PRO A 44 1.35 -21.58 -20.39
CA PRO A 44 1.87 -20.28 -20.82
C PRO A 44 3.01 -19.85 -19.90
N PRO A 45 4.05 -19.27 -20.51
CA PRO A 45 5.29 -18.98 -19.78
C PRO A 45 5.27 -17.72 -18.90
N GLY A 46 5.91 -17.84 -17.72
CA GLY A 46 5.99 -16.83 -16.67
C GLY A 46 5.31 -17.42 -15.44
N PRO A 47 3.97 -17.60 -15.49
CA PRO A 47 3.27 -18.19 -14.35
C PRO A 47 3.55 -19.70 -14.24
N GLY A 48 3.72 -20.33 -15.40
CA GLY A 48 3.69 -21.79 -15.50
C GLY A 48 2.37 -22.38 -15.02
N ARG A 49 2.41 -23.64 -14.62
CA ARG A 49 1.24 -24.47 -14.25
C ARG A 49 0.68 -24.01 -12.89
N VAL A 50 1.51 -23.71 -11.89
CA VAL A 50 1.04 -23.39 -10.51
C VAL A 50 0.29 -22.04 -10.50
N TRP A 51 0.74 -21.06 -11.28
CA TRP A 51 0.32 -19.66 -11.12
C TRP A 51 -0.51 -19.23 -12.32
N ARG A 52 -0.89 -20.17 -13.18
CA ARG A 52 -1.64 -19.85 -14.43
C ARG A 52 -2.84 -18.94 -14.09
N THR A 53 -3.07 -17.96 -14.91
CA THR A 53 -4.12 -16.93 -14.73
C THR A 53 -5.54 -17.51 -14.90
N ALA A 54 -5.72 -18.62 -15.60
CA ALA A 54 -7.06 -19.20 -15.83
C ALA A 54 -7.57 -20.01 -14.63
N GLN A 55 -6.91 -20.00 -13.47
CA GLN A 55 -7.38 -20.80 -12.31
C GLN A 55 -8.43 -20.00 -11.48
N SER A 56 -9.02 -20.69 -10.51
CA SER A 56 -10.10 -20.13 -9.65
C SER A 56 -9.48 -18.99 -8.83
N GLU A 57 -10.17 -17.83 -8.80
CA GLU A 57 -9.81 -16.60 -8.03
C GLU A 57 -10.05 -16.83 -6.53
N ASP A 58 -10.65 -17.94 -6.09
CA ASP A 58 -10.85 -18.25 -4.64
C ASP A 58 -9.53 -18.64 -3.95
N LEU A 59 -8.49 -18.99 -4.70
CA LEU A 59 -7.28 -19.57 -4.06
C LEU A 59 -6.27 -18.43 -3.80
N LEU A 60 -5.63 -18.48 -2.64
CA LEU A 60 -4.76 -17.37 -2.18
C LEU A 60 -3.31 -17.86 -2.12
N MET A 61 -2.38 -16.92 -2.13
CA MET A 61 -1.00 -17.14 -1.67
C MET A 61 -0.96 -17.15 -0.14
N ASN A 62 0.19 -17.56 0.38
CA ASN A 62 0.58 -17.63 1.80
C ASN A 62 1.64 -16.57 2.13
N THR A 63 1.95 -15.68 1.19
CA THR A 63 2.98 -14.60 1.31
C THR A 63 2.28 -13.26 1.11
N VAL A 64 2.61 -12.25 1.90
CA VAL A 64 2.06 -10.90 1.69
C VAL A 64 2.58 -10.32 0.37
N ALA A 65 1.80 -9.47 -0.24
CA ALA A 65 2.04 -8.91 -1.59
C ALA A 65 3.36 -8.14 -1.65
N SER A 66 3.74 -7.47 -0.59
CA SER A 66 4.94 -6.63 -0.55
C SER A 66 6.22 -7.50 -0.56
N GLN A 67 6.11 -8.81 -0.22
CA GLN A 67 7.27 -9.75 -0.14
C GLN A 67 7.33 -10.69 -1.35
N VAL A 68 6.58 -10.41 -2.42
CA VAL A 68 6.54 -11.24 -3.66
C VAL A 68 7.27 -10.47 -4.77
N THR A 69 8.34 -11.02 -5.36
CA THR A 69 9.08 -10.35 -6.47
C THR A 69 9.81 -11.39 -7.32
N LEU A 70 10.13 -11.03 -8.54
CA LEU A 70 10.99 -11.86 -9.41
C LEU A 70 12.24 -11.09 -9.79
N PHE A 71 12.53 -9.98 -9.12
CA PHE A 71 13.64 -9.08 -9.52
C PHE A 71 14.69 -9.07 -8.43
N THR A 72 15.94 -8.98 -8.88
CA THR A 72 17.12 -8.74 -8.04
C THR A 72 16.98 -7.35 -7.46
N ASP A 73 17.72 -7.13 -6.39
CA ASP A 73 17.80 -5.84 -5.66
C ASP A 73 19.24 -5.72 -5.13
N GLU A 74 19.59 -4.55 -4.64
CA GLU A 74 20.97 -4.24 -4.18
C GLU A 74 21.35 -5.09 -3.00
N SER A 75 20.46 -5.80 -2.31
CA SER A 75 20.90 -6.72 -1.22
C SER A 75 21.50 -7.99 -1.83
N VAL A 76 21.25 -8.29 -3.09
CA VAL A 76 21.52 -9.65 -3.64
C VAL A 76 23.00 -9.67 -4.03
N ASN A 77 23.77 -10.55 -3.39
CA ASN A 77 25.19 -10.81 -3.65
C ASN A 77 25.30 -11.84 -4.80
N CYS A 78 25.42 -11.39 -6.05
CA CYS A 78 25.56 -12.21 -7.27
C CYS A 78 26.55 -11.52 -8.21
N SER A 79 27.02 -12.15 -9.27
CA SER A 79 27.98 -11.51 -10.20
C SER A 79 27.27 -10.75 -11.31
N GLY A 80 26.08 -11.15 -11.73
CA GLY A 80 25.38 -10.40 -12.78
C GLY A 80 24.86 -9.05 -12.27
N PRO A 81 24.50 -8.14 -13.18
CA PRO A 81 24.07 -6.79 -12.80
C PRO A 81 22.70 -6.80 -12.12
N ILE A 82 22.55 -5.94 -11.10
CA ILE A 82 21.26 -5.73 -10.37
C ILE A 82 20.30 -4.91 -11.26
N LEU A 83 19.17 -5.49 -11.66
CA LEU A 83 18.14 -4.87 -12.52
C LEU A 83 16.82 -4.77 -11.72
N ALA A 84 16.62 -3.68 -10.99
CA ALA A 84 15.44 -3.45 -10.12
C ALA A 84 14.16 -3.48 -10.97
N GLY A 85 13.12 -4.06 -10.39
CA GLY A 85 11.76 -4.08 -10.93
C GLY A 85 10.77 -4.05 -9.79
N PRO A 86 9.47 -3.92 -10.11
CA PRO A 86 8.46 -3.88 -9.05
C PRO A 86 8.19 -5.23 -8.37
N SER A 87 7.98 -5.19 -7.05
CA SER A 87 7.27 -6.27 -6.31
C SER A 87 5.81 -6.38 -6.81
N LEU A 88 5.15 -7.48 -6.50
CA LEU A 88 3.73 -7.70 -6.86
C LEU A 88 2.93 -6.48 -6.32
N HIS A 89 3.18 -6.06 -5.09
CA HIS A 89 2.47 -4.92 -4.47
C HIS A 89 2.67 -3.63 -5.27
N GLU A 90 3.91 -3.31 -5.70
CA GLU A 90 4.17 -2.10 -6.51
C GLU A 90 3.48 -2.21 -7.88
N TRP A 91 3.57 -3.35 -8.54
CA TRP A 91 3.02 -3.54 -9.89
C TRP A 91 1.48 -3.49 -9.85
N ALA A 92 0.88 -4.02 -8.80
CA ALA A 92 -0.57 -4.17 -8.69
C ALA A 92 -1.30 -2.82 -8.54
N ASP A 93 -0.62 -1.68 -8.42
CA ASP A 93 -1.19 -0.31 -8.70
C ASP A 93 -2.43 -0.05 -7.83
N GLY A 94 -2.33 -0.36 -6.55
CA GLY A 94 -3.34 -0.13 -5.52
C GLY A 94 -4.39 -1.20 -5.49
N ALA A 95 -4.26 -2.27 -6.27
CA ALA A 95 -5.27 -3.34 -6.24
C ALA A 95 -5.14 -4.16 -4.97
N ILE A 96 -4.05 -4.05 -4.21
CA ILE A 96 -3.90 -4.92 -2.99
C ILE A 96 -3.03 -4.21 -1.97
N GLY A 97 -3.25 -4.50 -0.70
CA GLY A 97 -2.44 -3.88 0.37
C GLY A 97 -1.13 -4.63 0.59
N PRO A 98 -0.12 -3.96 1.17
CA PRO A 98 1.21 -4.56 1.33
C PRO A 98 1.26 -5.78 2.25
N ASP A 99 0.37 -5.87 3.26
CA ASP A 99 0.32 -6.99 4.24
C ASP A 99 -0.90 -7.89 3.97
N ASP A 100 -1.47 -7.80 2.79
CA ASP A 100 -2.59 -8.67 2.37
C ASP A 100 -2.04 -9.74 1.42
N TYR A 101 -2.78 -10.83 1.34
CA TYR A 101 -2.41 -12.07 0.61
C TYR A 101 -3.08 -12.09 -0.75
N PRO A 102 -2.30 -11.97 -1.83
CA PRO A 102 -2.88 -12.00 -3.17
C PRO A 102 -3.48 -13.36 -3.54
N THR A 103 -4.37 -13.34 -4.51
CA THR A 103 -4.88 -14.54 -5.19
C THR A 103 -3.71 -15.16 -5.97
N ARG A 104 -3.76 -16.45 -6.17
CA ARG A 104 -2.74 -17.13 -6.98
C ARG A 104 -2.82 -16.66 -8.41
N ALA A 105 -4.02 -16.40 -8.91
CA ALA A 105 -4.20 -15.86 -10.28
C ALA A 105 -3.57 -14.44 -10.43
N LEU A 106 -3.58 -13.59 -9.40
CA LEU A 106 -2.95 -12.24 -9.47
C LEU A 106 -1.40 -12.37 -9.60
N TYR A 107 -0.79 -13.29 -8.86
CA TYR A 107 0.66 -13.59 -9.00
C TYR A 107 0.93 -14.09 -10.44
N GLY A 108 0.06 -14.95 -10.97
CA GLY A 108 0.09 -15.30 -12.40
C GLY A 108 0.13 -14.09 -13.29
N ARG A 109 -0.75 -13.10 -13.07
CA ARG A 109 -0.83 -11.94 -13.99
C ARG A 109 0.46 -11.12 -13.86
N TYR A 110 1.01 -11.03 -12.65
CA TYR A 110 2.33 -10.38 -12.46
C TYR A 110 3.39 -11.21 -13.24
N LEU A 111 3.37 -12.52 -13.12
CA LEU A 111 4.44 -13.37 -13.74
C LEU A 111 4.34 -13.31 -15.28
N GLU A 112 3.13 -13.20 -15.83
CA GLU A 112 2.95 -13.19 -17.30
C GLU A 112 3.51 -11.87 -17.82
N TRP A 113 3.42 -10.83 -17.00
CA TRP A 113 3.86 -9.46 -17.34
C TRP A 113 5.40 -9.42 -17.21
N VAL A 114 5.95 -10.04 -16.15
CA VAL A 114 7.42 -10.09 -15.98
C VAL A 114 8.02 -10.82 -17.19
N PHE A 115 7.41 -11.90 -17.64
CA PHE A 115 7.89 -12.64 -18.82
C PHE A 115 7.84 -11.71 -20.05
N ALA A 116 6.70 -11.10 -20.35
CA ALA A 116 6.54 -10.21 -21.54
C ALA A 116 7.55 -9.06 -21.45
N ARG A 117 7.80 -8.52 -20.24
CA ARG A 117 8.78 -7.43 -20.05
C ARG A 117 10.21 -7.93 -20.34
N THR A 118 10.57 -9.14 -19.90
CA THR A 118 11.93 -9.72 -20.11
C THR A 118 12.19 -9.84 -21.63
N LEU A 119 11.23 -10.31 -22.43
CA LEU A 119 11.34 -10.32 -23.92
C LEU A 119 11.49 -8.88 -24.45
N ARG A 120 10.79 -7.88 -23.91
CA ARG A 120 10.94 -6.47 -24.38
C ARG A 120 12.33 -5.95 -23.99
N HIS A 121 12.88 -6.31 -22.84
CA HIS A 121 14.20 -5.73 -22.43
C HIS A 121 15.37 -6.62 -22.92
N ALA A 122 15.12 -7.72 -23.65
CA ALA A 122 16.19 -8.65 -24.10
C ALA A 122 17.22 -7.86 -24.91
N PRO A 123 18.55 -8.03 -24.69
CA PRO A 123 19.52 -7.37 -25.57
C PRO A 123 19.46 -7.96 -26.97
N PRO A 124 20.00 -7.29 -28.01
CA PRO A 124 19.90 -7.80 -29.38
C PRO A 124 20.70 -9.10 -29.58
N SER A 125 21.63 -9.45 -28.69
CA SER A 125 22.37 -10.73 -28.77
C SER A 125 21.45 -11.95 -28.43
N VAL A 126 20.21 -11.76 -27.97
CA VAL A 126 19.36 -12.86 -27.43
C VAL A 126 18.01 -12.83 -28.14
N ARG A 127 17.65 -13.94 -28.79
CA ARG A 127 16.34 -14.27 -29.35
C ARG A 127 15.71 -15.36 -28.45
N VAL A 128 14.48 -15.19 -28.03
CA VAL A 128 13.75 -16.20 -27.23
C VAL A 128 12.75 -16.89 -28.13
N GLU A 129 12.64 -18.18 -28.06
CA GLU A 129 11.59 -18.93 -28.77
C GLU A 129 10.84 -19.76 -27.74
N THR A 130 9.51 -19.66 -27.71
CA THR A 130 8.70 -20.42 -26.73
C THR A 130 8.10 -21.66 -27.37
N HIS A 131 7.88 -22.70 -26.59
CA HIS A 131 7.35 -24.00 -27.04
C HIS A 131 6.31 -24.43 -26.01
N ARG A 132 5.07 -24.51 -26.48
CA ARG A 132 3.92 -24.98 -25.70
C ARG A 132 3.96 -26.48 -25.79
N ALA A 133 4.78 -27.14 -24.96
CA ALA A 133 5.02 -28.60 -25.03
C ALA A 133 5.73 -29.10 -23.77
N ARG A 134 5.66 -30.39 -23.51
CA ARG A 134 6.43 -31.06 -22.44
C ARG A 134 7.74 -31.56 -23.09
N ALA A 135 8.88 -31.44 -22.42
CA ALA A 135 10.13 -32.12 -22.83
C ALA A 135 10.04 -33.52 -22.27
N VAL A 136 10.38 -34.53 -23.07
CA VAL A 136 10.23 -35.94 -22.63
C VAL A 136 11.53 -36.75 -22.71
N ARG A 137 12.54 -36.31 -23.44
CA ARG A 137 13.86 -36.98 -23.47
C ARG A 137 14.96 -35.94 -23.55
N LEU A 138 16.10 -36.23 -22.90
CA LEU A 138 17.33 -35.41 -23.04
C LEU A 138 18.47 -36.40 -23.28
N ASP A 139 19.26 -36.15 -24.31
CA ASP A 139 20.43 -37.03 -24.68
C ASP A 139 21.64 -36.20 -25.15
N ASP A 140 22.84 -36.76 -25.00
CA ASP A 140 24.06 -36.26 -25.68
C ASP A 140 23.95 -36.53 -27.20
N ALA A 141 24.24 -35.56 -28.04
CA ALA A 141 24.58 -35.76 -29.47
C ALA A 141 26.02 -36.31 -29.56
N ALA A 142 26.44 -36.72 -30.75
CA ALA A 142 27.76 -37.33 -30.97
C ALA A 142 28.90 -36.32 -30.64
N ASP A 143 28.70 -35.01 -30.80
CA ASP A 143 29.75 -33.96 -30.58
C ASP A 143 29.70 -33.44 -29.12
N GLY A 144 28.78 -33.94 -28.30
CA GLY A 144 28.63 -33.49 -26.89
C GLY A 144 27.58 -32.38 -26.68
N ARG A 145 27.04 -31.77 -27.73
CA ARG A 145 25.87 -30.86 -27.61
C ARG A 145 24.65 -31.70 -27.25
N GLN A 146 23.58 -31.04 -26.81
CA GLN A 146 22.40 -31.73 -26.24
C GLN A 146 21.22 -31.75 -27.25
N HIS A 147 20.44 -32.82 -27.22
CA HIS A 147 19.17 -33.03 -27.98
C HIS A 147 18.04 -33.13 -26.96
N LEU A 148 16.99 -32.37 -27.19
CA LEU A 148 15.82 -32.34 -26.29
C LEU A 148 14.58 -32.68 -27.13
N ALA A 149 13.96 -33.79 -26.82
CA ALA A 149 12.76 -34.24 -27.58
C ALA A 149 11.51 -33.76 -26.81
N LEU A 150 10.63 -33.04 -27.52
CA LEU A 150 9.31 -32.52 -27.04
C LEU A 150 8.13 -33.43 -27.46
N ASP A 151 7.05 -33.45 -26.68
CA ASP A 151 5.88 -34.32 -26.93
C ASP A 151 4.98 -33.80 -28.07
N ASN A 152 5.34 -32.72 -28.74
CA ASN A 152 4.64 -32.25 -29.96
C ASN A 152 5.45 -32.74 -31.17
N GLY A 153 6.38 -33.69 -30.99
CA GLY A 153 7.19 -34.28 -32.08
C GLY A 153 8.40 -33.45 -32.51
N ARG A 154 8.55 -32.20 -32.09
CA ARG A 154 9.78 -31.37 -32.33
C ARG A 154 10.98 -31.89 -31.49
N THR A 155 12.19 -31.93 -32.07
CA THR A 155 13.48 -32.13 -31.37
C THR A 155 14.34 -30.88 -31.53
N LEU A 156 14.78 -30.34 -30.40
CA LEU A 156 15.76 -29.23 -30.35
C LEU A 156 17.17 -29.86 -30.32
N THR A 157 18.00 -29.53 -31.30
CA THR A 157 19.32 -30.19 -31.51
C THR A 157 20.38 -29.09 -31.42
N GLY A 158 21.64 -29.49 -31.20
CA GLY A 158 22.74 -28.53 -31.15
C GLY A 158 22.72 -27.64 -29.92
N LEU A 159 22.10 -28.04 -28.82
CA LEU A 159 22.01 -27.16 -27.64
C LEU A 159 23.35 -27.15 -26.90
N SER A 160 23.88 -25.96 -26.58
CA SER A 160 25.11 -25.82 -25.77
C SER A 160 24.81 -26.13 -24.30
N ALA A 161 23.55 -25.95 -23.85
CA ALA A 161 23.19 -26.19 -22.43
C ALA A 161 21.69 -26.37 -22.28
N VAL A 162 21.31 -27.06 -21.19
CA VAL A 162 19.90 -27.29 -20.80
C VAL A 162 19.76 -27.04 -19.29
N VAL A 163 18.79 -26.19 -18.90
CA VAL A 163 18.44 -25.93 -17.49
C VAL A 163 17.11 -26.63 -17.20
N LEU A 164 17.08 -27.49 -16.20
CA LEU A 164 15.85 -28.13 -15.72
C LEU A 164 15.37 -27.30 -14.53
N ALA A 165 14.26 -26.56 -14.73
CA ALA A 165 13.54 -25.79 -13.68
C ALA A 165 12.08 -26.31 -13.60
N GLN A 166 11.92 -27.56 -13.18
CA GLN A 166 10.68 -28.36 -13.42
C GLN A 166 9.69 -28.26 -12.26
N GLY A 167 10.06 -27.65 -11.15
CA GLY A 167 9.20 -27.45 -9.99
C GLY A 167 8.40 -28.66 -9.55
N HIS A 168 7.12 -28.45 -9.28
CA HIS A 168 6.23 -29.40 -8.56
C HIS A 168 5.85 -30.49 -9.57
N LEU A 169 6.42 -31.68 -9.54
CA LEU A 169 6.20 -32.68 -10.62
C LEU A 169 5.20 -33.71 -10.11
N PRO A 170 4.45 -34.38 -11.02
CA PRO A 170 3.58 -35.48 -10.61
C PRO A 170 4.41 -36.69 -10.17
N VAL A 171 3.80 -37.52 -9.34
CA VAL A 171 4.42 -38.74 -8.72
C VAL A 171 3.48 -39.89 -9.03
N ARG A 172 4.00 -41.08 -9.19
CA ARG A 172 3.13 -42.28 -9.34
C ARG A 172 2.42 -42.50 -8.01
N PRO A 173 1.15 -42.97 -8.02
CA PRO A 173 0.42 -43.13 -6.77
C PRO A 173 1.09 -44.21 -5.90
N SER A 174 1.15 -43.96 -4.59
CA SER A 174 1.59 -44.96 -3.56
C SER A 174 0.73 -46.23 -3.62
N ALA A 175 1.12 -47.28 -2.92
CA ALA A 175 0.27 -48.49 -2.83
C ALA A 175 -1.09 -48.13 -2.20
N ALA A 176 -1.09 -47.31 -1.15
CA ALA A 176 -2.31 -46.91 -0.41
C ALA A 176 -3.23 -46.13 -1.35
N VAL A 177 -2.68 -45.23 -2.15
CA VAL A 177 -3.48 -44.39 -3.08
C VAL A 177 -4.11 -45.30 -4.16
N LEU A 178 -3.40 -46.33 -4.60
CA LEU A 178 -3.94 -47.31 -5.61
C LEU A 178 -5.09 -48.17 -5.05
N ARG A 179 -4.97 -48.65 -3.81
CA ARG A 179 -6.05 -49.40 -3.09
C ARG A 179 -7.31 -48.54 -2.97
N ASP A 180 -7.17 -47.29 -2.54
CA ASP A 180 -8.33 -46.36 -2.37
C ASP A 180 -8.93 -46.01 -3.74
N THR A 181 -8.14 -45.90 -4.81
CA THR A 181 -8.65 -45.57 -6.18
C THR A 181 -9.43 -46.78 -6.71
N GLU A 182 -8.97 -47.98 -6.44
CA GLU A 182 -9.68 -49.23 -6.81
C GLU A 182 -11.01 -49.35 -6.05
N HIS A 183 -11.00 -49.11 -4.74
CA HIS A 183 -12.19 -49.11 -3.85
C HIS A 183 -13.23 -48.13 -4.41
N ALA A 184 -12.81 -46.94 -4.87
CA ALA A 184 -13.74 -45.95 -5.46
C ALA A 184 -14.40 -46.51 -6.72
N ASP A 185 -13.61 -47.23 -7.54
CA ASP A 185 -14.06 -47.87 -8.81
C ASP A 185 -15.07 -48.97 -8.45
N ARG A 186 -14.77 -49.89 -7.53
CA ARG A 186 -15.77 -50.93 -7.14
C ARG A 186 -17.09 -50.34 -6.60
N HIS A 187 -17.13 -49.21 -5.88
CA HIS A 187 -18.35 -48.81 -5.11
C HIS A 187 -18.98 -47.52 -5.65
N ALA A 188 -18.52 -47.02 -6.80
CA ALA A 188 -18.95 -45.72 -7.38
C ALA A 188 -18.73 -44.57 -6.38
N LEU A 189 -17.54 -44.48 -5.79
CA LEU A 189 -17.15 -43.38 -4.84
C LEU A 189 -16.25 -42.36 -5.58
N ARG A 190 -15.83 -41.25 -4.95
CA ARG A 190 -14.83 -40.33 -5.57
C ARG A 190 -13.56 -40.38 -4.71
N HIS A 191 -12.43 -40.84 -5.27
CA HIS A 191 -11.10 -40.71 -4.63
C HIS A 191 -10.28 -39.67 -5.38
N ILE A 192 -9.79 -38.63 -4.69
CA ILE A 192 -8.96 -37.55 -5.31
C ILE A 192 -7.56 -37.68 -4.74
N PRO A 193 -6.59 -38.20 -5.52
CA PRO A 193 -5.19 -38.32 -5.07
C PRO A 193 -4.46 -36.97 -4.92
N PRO A 194 -3.27 -36.97 -4.28
CA PRO A 194 -2.52 -35.74 -4.06
C PRO A 194 -2.32 -34.91 -5.33
N ALA A 195 -2.49 -33.59 -5.21
CA ALA A 195 -2.50 -32.66 -6.33
C ALA A 195 -2.55 -31.21 -5.83
N ASN A 196 -2.19 -30.25 -6.69
CA ASN A 196 -2.56 -28.85 -6.45
C ASN A 196 -4.09 -28.80 -6.39
N PRO A 197 -4.73 -28.27 -5.32
CA PRO A 197 -6.19 -28.14 -5.26
C PRO A 197 -6.75 -27.39 -6.47
N ALA A 198 -5.99 -26.47 -7.08
CA ALA A 198 -6.42 -25.71 -8.27
C ALA A 198 -6.68 -26.64 -9.47
N ASP A 199 -6.18 -27.88 -9.46
CA ASP A 199 -6.13 -28.76 -10.65
C ASP A 199 -7.23 -29.85 -10.54
N VAL A 200 -7.94 -29.92 -9.44
CA VAL A 200 -8.90 -31.00 -9.14
C VAL A 200 -10.29 -30.52 -9.58
N ASP A 201 -11.13 -31.47 -10.00
CA ASP A 201 -12.56 -31.21 -10.37
C ASP A 201 -13.46 -31.61 -9.20
N LEU A 202 -13.82 -30.63 -8.39
CA LEU A 202 -14.71 -30.80 -7.24
C LEU A 202 -16.21 -30.69 -7.63
N THR A 203 -16.58 -30.35 -8.88
CA THR A 203 -18.00 -30.24 -9.31
C THR A 203 -18.73 -31.60 -9.21
N VAL A 204 -18.03 -32.72 -9.15
CA VAL A 204 -18.58 -34.09 -8.95
C VAL A 204 -19.04 -34.29 -7.50
N ILE A 205 -18.76 -33.40 -6.56
CA ILE A 205 -19.23 -33.59 -5.16
C ILE A 205 -20.63 -32.97 -5.08
N SER A 206 -21.59 -33.60 -4.45
CA SER A 206 -22.99 -33.06 -4.41
C SER A 206 -23.24 -32.33 -3.10
N PRO A 207 -24.24 -31.44 -3.07
CA PRO A 207 -24.74 -30.87 -1.82
C PRO A 207 -25.11 -31.94 -0.77
N GLY A 208 -24.68 -31.70 0.45
CA GLY A 208 -24.88 -32.61 1.59
C GLY A 208 -23.99 -33.82 1.55
N GLU A 209 -23.15 -34.02 0.53
CA GLU A 209 -22.37 -35.30 0.50
C GLU A 209 -21.36 -35.33 1.65
N PRO A 210 -21.19 -36.44 2.38
CA PRO A 210 -20.11 -36.53 3.36
C PRO A 210 -18.75 -36.78 2.65
N VAL A 211 -17.83 -35.82 2.86
CA VAL A 211 -16.48 -35.69 2.23
C VAL A 211 -15.43 -35.69 3.36
N LEU A 212 -14.42 -36.55 3.28
CA LEU A 212 -13.19 -36.46 4.11
C LEU A 212 -12.03 -35.76 3.34
N LEU A 213 -11.61 -34.59 3.81
CA LEU A 213 -10.28 -33.94 3.57
C LEU A 213 -9.29 -34.60 4.51
N ARG A 214 -8.50 -35.52 3.98
CA ARG A 214 -7.39 -36.14 4.77
C ARG A 214 -6.16 -35.21 4.68
N GLY A 215 -5.90 -34.43 5.72
CA GLY A 215 -4.94 -33.30 5.72
C GLY A 215 -5.57 -32.04 6.29
N LEU A 216 -4.77 -31.24 7.02
CA LEU A 216 -5.19 -30.01 7.75
C LEU A 216 -4.17 -28.87 7.56
N GLY A 217 -3.44 -28.93 6.45
CA GLY A 217 -2.38 -27.95 6.10
C GLY A 217 -2.84 -27.03 5.01
N LEU A 218 -1.94 -26.52 4.19
CA LEU A 218 -2.36 -25.47 3.23
C LEU A 218 -3.32 -26.05 2.16
N ASN A 219 -3.15 -27.27 1.69
CA ASN A 219 -4.10 -27.87 0.70
C ASN A 219 -5.51 -27.95 1.31
N PHE A 220 -5.60 -28.33 2.57
CA PHE A 220 -6.87 -28.34 3.34
C PHE A 220 -7.55 -26.99 3.21
N PHE A 221 -6.85 -25.87 3.44
CA PHE A 221 -7.45 -24.51 3.45
C PHE A 221 -7.92 -24.14 2.05
N ASP A 222 -7.26 -24.64 1.00
CA ASP A 222 -7.77 -24.44 -0.38
C ASP A 222 -9.11 -25.19 -0.58
N HIS A 223 -9.19 -26.48 -0.25
CA HIS A 223 -10.41 -27.30 -0.49
C HIS A 223 -11.57 -26.74 0.36
N MET A 224 -11.25 -26.28 1.56
CA MET A 224 -12.18 -25.62 2.48
C MET A 224 -12.82 -24.44 1.76
N ALA A 225 -12.03 -23.63 1.07
CA ALA A 225 -12.52 -22.45 0.34
C ALA A 225 -13.32 -22.93 -0.88
N LEU A 226 -12.79 -23.86 -1.67
CA LEU A 226 -13.44 -24.29 -2.93
C LEU A 226 -14.83 -24.90 -2.62
N LEU A 227 -15.02 -25.62 -1.51
CA LEU A 227 -16.29 -26.32 -1.15
C LEU A 227 -17.30 -25.41 -0.40
N THR A 228 -16.98 -24.16 -0.13
CA THR A 228 -17.81 -23.19 0.64
C THR A 228 -18.02 -21.92 -0.21
N THR A 229 -17.12 -20.95 -0.15
CA THR A 229 -17.18 -19.68 -0.93
C THR A 229 -17.13 -19.99 -2.42
N GLY A 230 -16.48 -21.08 -2.81
CA GLY A 230 -16.44 -21.52 -4.22
C GLY A 230 -17.78 -22.06 -4.69
N ARG A 231 -18.71 -22.29 -3.79
CA ARG A 231 -20.07 -22.82 -4.07
C ARG A 231 -21.14 -21.83 -3.58
N GLY A 232 -20.88 -20.53 -3.64
CA GLY A 232 -21.82 -19.44 -3.29
C GLY A 232 -21.87 -19.11 -1.81
N GLY A 233 -21.15 -19.82 -0.92
CA GLY A 233 -21.04 -19.36 0.48
C GLY A 233 -20.47 -17.96 0.56
N THR A 234 -20.78 -17.19 1.61
CA THR A 234 -20.17 -15.86 1.93
C THR A 234 -19.98 -15.74 3.46
N TYR A 235 -19.19 -14.73 3.86
CA TYR A 235 -18.95 -14.34 5.27
C TYR A 235 -19.51 -12.93 5.47
N VAL A 236 -19.96 -12.67 6.68
CA VAL A 236 -20.41 -11.37 7.20
C VAL A 236 -19.68 -11.17 8.53
N ARG A 237 -19.27 -9.96 8.86
CA ARG A 237 -18.60 -9.63 10.14
C ARG A 237 -19.60 -8.85 10.97
N GLU A 238 -19.74 -9.23 12.23
CA GLU A 238 -20.61 -8.55 13.23
C GLU A 238 -19.90 -8.53 14.58
N ASP A 239 -19.75 -7.32 15.13
CA ASP A 239 -19.19 -7.10 16.47
C ASP A 239 -17.82 -7.80 16.50
N GLY A 240 -17.03 -7.57 15.45
CA GLY A 240 -15.72 -8.20 15.25
C GLY A 240 -15.83 -9.58 14.63
N VAL A 241 -16.92 -10.33 14.89
CA VAL A 241 -16.93 -11.81 14.65
C VAL A 241 -17.71 -12.21 13.39
N LEU A 242 -16.95 -12.85 12.52
CA LEU A 242 -17.33 -13.61 11.30
C LEU A 242 -18.47 -14.60 11.56
N ARG A 243 -19.39 -14.65 10.62
CA ARG A 243 -20.46 -15.65 10.52
C ARG A 243 -20.45 -16.15 9.08
N TYR A 244 -20.56 -17.45 8.87
CA TYR A 244 -20.71 -18.05 7.52
C TYR A 244 -22.19 -18.06 7.15
N VAL A 245 -22.48 -17.71 5.90
CA VAL A 245 -23.83 -17.59 5.28
C VAL A 245 -23.92 -18.68 4.21
N PRO A 246 -24.50 -19.86 4.54
CA PRO A 246 -24.56 -20.98 3.62
C PRO A 246 -25.40 -20.71 2.36
N SER A 247 -24.93 -21.28 1.24
CA SER A 247 -25.63 -21.27 -0.08
C SER A 247 -26.59 -22.47 -0.20
N GLY A 248 -26.43 -23.53 0.57
CA GLY A 248 -27.17 -24.79 0.39
C GLY A 248 -26.53 -25.75 -0.61
N ARG A 249 -25.42 -25.35 -1.25
CA ARG A 249 -24.73 -26.26 -2.20
C ARG A 249 -23.52 -26.96 -1.54
N GLU A 250 -23.22 -26.66 -0.28
CA GLU A 250 -22.00 -27.17 0.40
C GLU A 250 -22.16 -28.64 0.70
N PRO A 251 -21.07 -29.44 0.68
CA PRO A 251 -21.13 -30.78 1.23
C PRO A 251 -21.07 -30.73 2.76
N ARG A 252 -21.21 -31.90 3.37
CA ARG A 252 -20.84 -32.13 4.79
C ARG A 252 -19.33 -32.42 4.82
N VAL A 253 -18.56 -31.43 5.25
CA VAL A 253 -17.06 -31.54 5.24
C VAL A 253 -16.58 -32.04 6.59
N TYR A 254 -15.87 -33.16 6.55
CA TYR A 254 -15.08 -33.78 7.63
C TYR A 254 -13.61 -33.65 7.27
N ALA A 255 -12.73 -33.43 8.24
CA ALA A 255 -11.27 -33.29 7.98
C ALA A 255 -10.51 -33.86 9.15
N GLY A 256 -9.30 -34.35 8.88
CA GLY A 256 -8.45 -34.86 9.96
C GLY A 256 -7.03 -35.02 9.49
N SER A 257 -6.15 -35.34 10.45
CA SER A 257 -4.75 -35.70 10.14
C SER A 257 -4.17 -36.49 11.28
N ARG A 258 -2.88 -36.82 11.18
CA ARG A 258 -2.19 -37.61 12.22
CA ARG A 258 -2.23 -37.61 12.25
C ARG A 258 -2.09 -36.70 13.46
N ARG A 259 -1.60 -35.47 13.30
CA ARG A 259 -1.47 -34.56 14.47
C ARG A 259 -2.87 -34.11 14.90
N GLY A 260 -3.78 -33.93 13.94
CA GLY A 260 -5.19 -33.67 14.20
C GLY A 260 -5.54 -32.21 14.26
N LEU A 261 -4.61 -31.29 13.93
CA LEU A 261 -4.85 -29.84 14.09
C LEU A 261 -4.64 -29.10 12.78
N PRO A 262 -5.52 -28.12 12.50
CA PRO A 262 -5.25 -27.14 11.47
C PRO A 262 -3.91 -26.44 11.78
N TYR A 263 -3.15 -26.09 10.74
CA TYR A 263 -1.83 -25.42 10.86
C TYR A 263 -2.04 -24.06 11.54
N GLN A 264 -1.05 -23.61 12.29
CA GLN A 264 -1.02 -22.32 13.01
C GLN A 264 -1.19 -21.16 12.04
N ALA A 265 -1.99 -20.19 12.46
CA ALA A 265 -2.12 -18.87 11.82
C ALA A 265 -0.76 -18.18 11.82
N ARG A 266 -0.38 -17.63 10.66
CA ARG A 266 0.76 -16.69 10.55
C ARG A 266 0.35 -15.42 11.30
N GLY A 267 1.18 -14.96 12.25
CA GLY A 267 1.04 -13.59 12.76
C GLY A 267 0.88 -12.59 11.60
N ASP A 268 -0.01 -11.61 11.79
CA ASP A 268 -0.19 -10.46 10.90
C ASP A 268 1.18 -9.74 10.75
N ASN A 269 1.54 -9.38 9.52
CA ASN A 269 2.90 -8.90 9.23
C ASN A 269 3.02 -7.51 9.84
N ALA A 270 4.00 -7.31 10.72
CA ALA A 270 4.39 -5.97 11.19
C ALA A 270 5.85 -5.71 10.80
N LYS A 271 6.51 -6.53 9.99
CA LYS A 271 7.96 -6.34 9.68
C LYS A 271 8.12 -5.58 8.36
N GLY A 272 7.05 -5.22 7.70
CA GLY A 272 7.19 -4.51 6.42
C GLY A 272 7.63 -5.46 5.30
N PRO A 273 8.02 -4.89 4.14
CA PRO A 273 8.43 -5.67 2.97
C PRO A 273 9.76 -6.44 3.15
N TYR A 274 10.66 -5.95 4.00
CA TYR A 274 12.09 -6.35 4.00
C TYR A 274 12.51 -6.88 5.37
N GLY A 275 11.68 -6.75 6.42
CA GLY A 275 12.05 -7.09 7.81
C GLY A 275 12.20 -8.59 7.96
N ARG A 276 13.27 -9.00 8.60
CA ARG A 276 13.64 -10.41 8.86
C ARG A 276 14.30 -10.40 10.22
N HIS A 277 13.89 -11.27 11.13
CA HIS A 277 14.72 -11.58 12.32
C HIS A 277 16.16 -11.92 11.88
N LEU A 278 17.15 -11.22 12.43
CA LEU A 278 18.56 -11.52 12.16
C LEU A 278 19.05 -12.41 13.30
N PRO A 279 19.66 -13.56 13.00
CA PRO A 279 19.95 -14.53 14.04
C PRO A 279 21.00 -14.03 15.03
N GLU A 280 20.78 -14.37 16.31
CA GLU A 280 21.73 -14.08 17.41
C GLU A 280 22.20 -15.36 18.07
N VAL A 281 21.74 -16.55 17.66
CA VAL A 281 22.28 -17.84 18.18
C VAL A 281 22.78 -18.67 17.01
N LEU A 282 21.95 -18.89 15.98
CA LEU A 282 22.39 -19.59 14.75
C LEU A 282 23.01 -18.54 13.83
N THR A 283 24.14 -17.98 14.24
CA THR A 283 24.79 -16.82 13.59
C THR A 283 25.62 -17.31 12.40
N PRO A 284 26.07 -16.42 11.50
CA PRO A 284 26.98 -16.83 10.42
C PRO A 284 28.28 -17.41 10.97
N GLU A 285 28.73 -16.95 12.13
CA GLU A 285 29.94 -17.51 12.79
C GLU A 285 29.65 -18.96 13.20
N ALA A 286 28.47 -19.26 13.79
CA ALA A 286 28.13 -20.63 14.22
C ALA A 286 27.98 -21.52 12.98
N VAL A 287 27.40 -20.96 11.93
CA VAL A 287 27.07 -21.74 10.72
C VAL A 287 28.41 -22.11 10.04
N SER A 288 29.35 -21.16 9.93
CA SER A 288 30.71 -21.40 9.32
C SER A 288 31.42 -22.56 10.01
N ALA A 289 31.36 -22.59 11.34
CA ALA A 289 31.95 -23.67 12.16
C ALA A 289 31.26 -24.98 11.86
N PHE A 290 29.93 -25.02 11.74
CA PHE A 290 29.27 -26.30 11.39
C PHE A 290 29.74 -26.76 10.00
N ARG A 291 29.84 -25.84 9.04
CA ARG A 291 30.17 -26.21 7.65
C ARG A 291 31.63 -26.70 7.64
N LYS A 292 32.48 -26.20 8.53
CA LYS A 292 33.91 -26.64 8.59
C LYS A 292 33.98 -28.12 9.03
N ARG A 293 33.19 -28.54 10.02
CA ARG A 293 33.12 -29.94 10.48
C ARG A 293 32.50 -30.84 9.39
N ALA A 294 31.43 -30.46 8.71
CA ALA A 294 30.87 -31.33 7.65
C ALA A 294 31.96 -31.55 6.59
N ASP A 295 32.76 -30.51 6.33
CA ASP A 295 33.82 -30.42 5.28
C ASP A 295 34.95 -31.40 5.64
N SER A 296 35.49 -31.31 6.86
CA SER A 296 36.47 -32.25 7.47
C SER A 296 35.85 -33.62 7.79
N GLY A 297 34.60 -33.92 7.43
CA GLY A 297 34.05 -35.30 7.41
C GLY A 297 33.26 -35.73 8.66
N GLU A 298 33.20 -34.91 9.73
CA GLU A 298 32.38 -35.12 10.96
C GLU A 298 31.16 -34.16 10.99
N ALA A 299 30.16 -34.35 10.12
CA ALA A 299 28.93 -33.50 10.01
C ALA A 299 28.21 -33.47 11.34
N PRO A 300 27.66 -32.31 11.75
CA PRO A 300 26.86 -32.21 12.96
C PRO A 300 25.60 -33.10 12.90
N ASP A 301 25.15 -33.37 14.11
CA ASP A 301 23.89 -34.11 14.38
C ASP A 301 22.82 -33.05 14.63
N PHE A 302 21.72 -33.10 13.88
CA PHE A 302 20.65 -32.06 13.95
C PHE A 302 20.17 -31.93 15.41
N LEU A 303 19.78 -33.02 16.03
CA LEU A 303 19.16 -32.97 17.38
C LEU A 303 20.15 -32.56 18.48
N ARG A 304 21.36 -33.10 18.48
CA ARG A 304 22.44 -32.80 19.47
C ARG A 304 22.89 -31.36 19.23
N ASP A 305 23.17 -30.94 18.00
CA ASP A 305 24.03 -29.74 17.78
C ASP A 305 23.24 -28.55 17.21
N ILE A 306 22.24 -28.75 16.37
CA ILE A 306 21.54 -27.62 15.69
C ILE A 306 20.25 -27.21 16.41
N TRP A 307 19.42 -28.20 16.75
CA TRP A 307 18.14 -27.97 17.43
C TRP A 307 18.33 -27.07 18.64
N PRO A 308 19.32 -27.25 19.56
CA PRO A 308 19.43 -26.35 20.73
C PRO A 308 19.64 -24.87 20.35
N LEU A 309 20.34 -24.60 19.26
CA LEU A 309 20.49 -23.22 18.76
C LEU A 309 19.14 -22.70 18.21
N VAL A 310 18.42 -23.48 17.42
CA VAL A 310 17.09 -23.05 16.91
C VAL A 310 16.17 -22.77 18.08
N ALA A 311 16.09 -23.70 19.05
CA ALA A 311 15.18 -23.59 20.20
C ALA A 311 15.50 -22.32 20.99
N LYS A 312 16.76 -22.04 21.24
CA LYS A 312 17.21 -20.84 22.00
C LYS A 312 16.79 -19.56 21.22
N GLU A 313 16.96 -19.60 19.90
CA GLU A 313 16.63 -18.46 19.01
C GLU A 313 15.15 -18.10 19.22
N VAL A 314 14.29 -19.11 19.12
CA VAL A 314 12.82 -18.95 19.18
C VAL A 314 12.43 -18.49 20.58
N GLU A 315 12.88 -19.21 21.59
CA GLU A 315 12.49 -18.94 22.99
C GLU A 315 12.95 -17.53 23.38
N THR A 316 14.15 -17.12 22.97
CA THR A 316 14.68 -15.78 23.30
C THR A 316 13.74 -14.72 22.71
N VAL A 317 13.34 -14.86 21.46
CA VAL A 317 12.43 -13.86 20.83
C VAL A 317 11.10 -13.84 21.60
N TYR A 318 10.61 -15.00 22.02
CA TYR A 318 9.32 -15.09 22.73
C TYR A 318 9.47 -14.29 24.04
N TYR A 319 10.48 -14.63 24.81
CA TYR A 319 10.65 -14.02 26.16
C TYR A 319 10.95 -12.52 26.04
N THR A 320 11.74 -12.12 25.04
CA THR A 320 12.08 -10.68 24.84
C THR A 320 10.77 -9.89 24.58
N ALA A 321 9.84 -10.43 23.78
CA ALA A 321 8.56 -9.75 23.44
C ALA A 321 7.62 -9.75 24.66
N LEU A 322 7.75 -10.74 25.53
CA LEU A 322 6.96 -10.88 26.77
C LEU A 322 7.43 -9.89 27.84
N VAL A 323 8.74 -9.74 28.04
CA VAL A 323 9.36 -8.95 29.15
C VAL A 323 9.51 -7.47 28.77
N ARG A 324 9.83 -7.15 27.52
CA ARG A 324 9.96 -5.74 27.03
C ARG A 324 10.85 -4.92 27.98
N HIS A 325 12.03 -5.41 28.32
CA HIS A 325 13.03 -4.60 29.06
C HIS A 325 14.38 -4.71 28.36
N PRO A 326 15.04 -3.58 28.06
CA PRO A 326 16.31 -3.59 27.30
C PRO A 326 17.45 -4.46 27.87
N ASP A 327 17.46 -4.71 29.18
CA ASP A 327 18.53 -5.50 29.84
C ASP A 327 18.29 -7.00 29.74
N PHE A 328 17.07 -7.45 29.47
CA PHE A 328 16.71 -8.88 29.54
C PHE A 328 17.50 -9.66 28.50
N ALA A 329 17.42 -9.34 27.22
CA ALA A 329 17.94 -10.29 26.20
C ALA A 329 19.47 -10.50 26.30
N PRO A 330 20.33 -9.45 26.50
CA PRO A 330 21.76 -9.69 26.67
C PRO A 330 22.06 -10.71 27.79
N ARG A 331 21.31 -10.63 28.89
CA ARG A 331 21.49 -11.58 30.02
C ARG A 331 20.97 -12.97 29.60
N TYR A 332 19.84 -13.08 28.91
CA TYR A 332 19.29 -14.41 28.55
C TYR A 332 20.21 -15.10 27.51
N LEU A 333 20.69 -14.35 26.53
CA LEU A 333 21.54 -14.90 25.44
C LEU A 333 22.89 -15.34 25.99
N SER A 334 23.36 -14.83 27.11
CA SER A 334 24.67 -15.28 27.66
C SER A 334 24.50 -16.70 28.27
N LEU A 335 23.27 -17.16 28.57
CA LEU A 335 23.01 -18.46 29.22
C LEU A 335 22.91 -19.58 28.18
N PRO A 336 23.51 -20.76 28.46
CA PRO A 336 23.39 -21.89 27.54
C PRO A 336 21.95 -22.44 27.52
N TYR A 337 21.51 -23.00 26.39
CA TYR A 337 20.14 -23.54 26.26
C TYR A 337 19.86 -24.61 27.32
N GLY A 338 18.86 -24.43 28.18
CA GLY A 338 18.54 -25.44 29.20
C GLY A 338 19.31 -25.29 30.50
N ASP A 339 20.25 -24.37 30.60
CA ASP A 339 20.85 -24.02 31.91
C ASP A 339 19.73 -23.77 32.91
N PRO A 340 19.93 -24.18 34.18
CA PRO A 340 19.04 -23.78 35.28
C PRO A 340 18.95 -22.26 35.53
N GLN A 341 19.93 -21.44 35.15
CA GLN A 341 19.81 -19.96 35.35
C GLN A 341 18.74 -19.36 34.41
N GLU A 342 18.36 -20.03 33.33
CA GLU A 342 17.29 -19.55 32.39
C GLU A 342 16.04 -19.25 33.23
N ALA A 343 15.59 -20.26 33.99
CA ALA A 343 14.39 -20.19 34.85
C ALA A 343 14.52 -19.08 35.89
N GLU A 344 15.72 -18.88 36.44
CA GLU A 344 15.88 -17.90 37.55
C GLU A 344 15.91 -16.48 37.01
N LEU A 345 16.59 -16.28 35.87
CA LEU A 345 16.54 -14.98 35.16
C LEU A 345 15.08 -14.64 34.79
N LEU A 346 14.30 -15.62 34.33
CA LEU A 346 12.88 -15.37 33.90
C LEU A 346 12.09 -14.90 35.11
N ALA A 347 12.25 -15.59 36.26
CA ALA A 347 11.55 -15.26 37.53
C ALA A 347 11.94 -13.85 37.97
N GLU A 348 13.21 -13.53 37.88
CA GLU A 348 13.65 -12.17 38.21
C GLU A 348 13.02 -11.12 37.27
N PHE A 349 12.65 -11.39 36.00
CA PHE A 349 12.02 -10.36 35.12
C PHE A 349 10.48 -10.52 35.09
N GLY A 350 9.91 -11.30 36.01
CA GLY A 350 8.46 -11.36 36.29
C GLY A 350 7.72 -12.41 35.46
N VAL A 351 8.42 -13.37 34.86
CA VAL A 351 7.78 -14.43 34.03
C VAL A 351 7.54 -15.63 34.94
N ASP A 352 6.28 -15.94 35.21
CA ASP A 352 5.80 -17.08 36.04
C ASP A 352 5.96 -18.39 35.25
N ALA A 353 5.95 -19.54 35.92
CA ALA A 353 5.95 -20.91 35.32
C ALA A 353 4.87 -21.10 34.25
N ASP A 354 3.70 -20.46 34.31
CA ASP A 354 2.64 -20.77 33.32
C ASP A 354 2.84 -19.96 32.02
N ALA A 355 3.74 -18.98 31.97
CA ALA A 355 4.04 -18.27 30.70
C ALA A 355 5.31 -18.87 30.05
N ARG A 356 5.88 -19.94 30.59
CA ARG A 356 7.14 -20.56 30.08
C ARG A 356 6.88 -21.33 28.78
N TRP A 357 7.81 -21.25 27.84
CA TRP A 357 7.72 -21.99 26.55
C TRP A 357 7.72 -23.49 26.82
N ASP A 358 6.89 -24.23 26.11
CA ASP A 358 6.82 -25.70 26.19
C ASP A 358 6.63 -26.26 24.78
N TRP A 359 7.67 -26.86 24.23
CA TRP A 359 7.68 -27.42 22.86
C TRP A 359 6.67 -28.59 22.74
N GLU A 360 6.48 -29.40 23.78
CA GLU A 360 5.50 -30.52 23.78
C GLU A 360 4.05 -29.99 23.66
N ARG A 361 3.72 -28.97 24.42
CA ARG A 361 2.39 -28.34 24.35
C ARG A 361 2.20 -27.67 22.98
N VAL A 362 3.18 -26.94 22.41
CA VAL A 362 2.93 -26.21 21.14
C VAL A 362 2.72 -27.27 20.05
N SER A 363 3.39 -28.39 20.20
CA SER A 363 3.34 -29.47 19.21
C SER A 363 1.99 -30.23 19.26
N ARG A 364 1.52 -30.60 20.46
CA ARG A 364 0.27 -31.39 20.67
C ARG A 364 -0.48 -30.77 21.84
N PRO A 365 -1.15 -29.62 21.66
CA PRO A 365 -1.71 -28.92 22.81
C PRO A 365 -2.95 -29.56 23.45
N TYR A 366 -3.47 -30.60 22.83
CA TYR A 366 -4.57 -31.42 23.34
C TYR A 366 -4.06 -32.55 24.24
N ALA A 367 -2.76 -32.79 24.38
CA ALA A 367 -2.26 -34.10 24.89
C ALA A 367 -2.36 -34.18 26.42
N GLN A 368 -2.54 -33.08 27.14
CA GLN A 368 -2.81 -33.13 28.61
C GLN A 368 -4.15 -33.87 28.81
N ARG A 369 -5.16 -33.69 27.93
CA ARG A 369 -6.59 -33.97 28.27
C ARG A 369 -7.18 -35.12 27.44
N GLU A 370 -8.28 -35.71 27.92
CA GLU A 370 -9.10 -36.79 27.27
C GLU A 370 -10.41 -36.17 26.76
N PHE A 371 -11.05 -36.77 25.76
CA PHE A 371 -12.33 -36.29 25.20
C PHE A 371 -13.33 -37.46 25.25
N ALA A 372 -14.43 -37.21 25.93
CA ALA A 372 -15.53 -38.17 26.20
C ALA A 372 -16.41 -38.35 24.96
N HIS A 373 -16.55 -37.32 24.12
CA HIS A 373 -17.30 -37.45 22.84
C HIS A 373 -16.92 -36.32 21.85
N ARG A 374 -17.45 -36.38 20.62
CA ARG A 374 -17.31 -35.41 19.50
C ARG A 374 -17.49 -33.98 20.02
N GLY A 375 -18.46 -33.82 20.91
CA GLY A 375 -18.88 -32.50 21.45
C GLY A 375 -17.79 -31.89 22.29
N GLU A 376 -17.10 -32.68 23.12
CA GLU A 376 -16.00 -32.15 23.97
C GLU A 376 -14.80 -31.74 23.08
N TRP A 377 -14.42 -32.57 22.07
CA TRP A 377 -13.37 -32.26 21.05
C TRP A 377 -13.69 -30.93 20.39
N ARG A 378 -14.92 -30.74 19.93
CA ARG A 378 -15.38 -29.55 19.18
C ARG A 378 -15.19 -28.31 20.06
N GLN A 379 -15.63 -28.32 21.30
CA GLN A 379 -15.56 -27.13 22.20
C GLN A 379 -14.09 -26.83 22.50
N TRP A 380 -13.27 -27.83 22.81
CA TRP A 380 -11.80 -27.63 23.00
C TRP A 380 -11.24 -27.00 21.73
N LEU A 381 -11.57 -27.52 20.55
CA LEU A 381 -10.95 -27.07 19.28
C LEU A 381 -11.36 -25.62 19.01
N LEU A 382 -12.61 -25.26 19.24
CA LEU A 382 -13.06 -23.87 18.99
C LEU A 382 -12.27 -22.91 19.90
N GLY A 383 -12.14 -23.24 21.19
CA GLY A 383 -11.36 -22.43 22.14
C GLY A 383 -9.92 -22.25 21.64
N TYR A 384 -9.30 -23.33 21.19
CA TYR A 384 -7.91 -23.35 20.68
C TYR A 384 -7.78 -22.42 19.46
N LEU A 385 -8.70 -22.50 18.50
CA LEU A 385 -8.62 -21.70 17.26
C LEU A 385 -8.92 -20.24 17.55
N ARG A 386 -9.82 -19.95 18.52
CA ARG A 386 -10.06 -18.53 18.91
C ARG A 386 -8.78 -17.93 19.53
N ALA A 387 -8.09 -18.67 20.39
CA ALA A 387 -6.81 -18.21 20.98
C ALA A 387 -5.74 -18.05 19.88
N ASP A 388 -5.67 -18.97 18.92
CA ASP A 388 -4.72 -18.89 17.79
C ASP A 388 -4.96 -17.60 17.01
N ALA A 389 -6.22 -17.30 16.65
CA ALA A 389 -6.54 -16.10 15.86
C ALA A 389 -6.15 -14.82 16.65
N ALA A 390 -6.42 -14.78 17.95
CA ALA A 390 -6.12 -13.61 18.82
C ALA A 390 -4.61 -13.42 18.96
N GLU A 391 -3.80 -14.48 19.06
CA GLU A 391 -2.31 -14.38 19.06
C GLU A 391 -1.84 -13.80 17.71
N ALA A 392 -2.41 -14.24 16.60
CA ALA A 392 -2.03 -13.81 15.24
C ALA A 392 -2.38 -12.34 15.03
N LEU A 393 -3.46 -11.86 15.65
CA LEU A 393 -3.88 -10.44 15.50
C LEU A 393 -2.84 -9.49 16.16
N ARG A 394 -2.12 -9.93 17.18
CA ARG A 394 -1.06 -9.12 17.85
C ARG A 394 0.15 -8.92 16.94
N GLY A 395 0.32 -9.77 15.93
CA GLY A 395 1.31 -9.57 14.86
C GLY A 395 2.65 -10.20 15.19
N ASN A 396 3.55 -10.20 14.21
CA ASN A 396 4.81 -10.98 14.26
C ASN A 396 5.97 -10.16 14.85
N VAL A 397 5.70 -9.01 15.44
CA VAL A 397 6.69 -8.20 16.20
C VAL A 397 6.31 -8.10 17.69
N ASP A 398 5.10 -7.67 18.04
CA ASP A 398 4.67 -7.43 19.45
C ASP A 398 3.98 -8.67 20.05
N GLY A 399 3.44 -9.56 19.24
CA GLY A 399 2.82 -10.80 19.75
C GLY A 399 3.89 -11.84 20.09
N PRO A 400 4.11 -12.16 21.37
CA PRO A 400 5.26 -12.98 21.72
C PRO A 400 5.19 -14.35 21.04
N LEU A 401 4.05 -15.06 21.09
CA LEU A 401 3.97 -16.37 20.45
C LEU A 401 4.29 -16.26 18.96
N LYS A 402 3.66 -15.34 18.26
CA LYS A 402 3.74 -15.34 16.77
C LYS A 402 5.03 -14.66 16.29
N ALA A 403 5.61 -13.75 17.09
CA ALA A 403 6.98 -13.28 16.81
C ALA A 403 7.94 -14.49 16.85
N ALA A 404 7.81 -15.37 17.84
CA ALA A 404 8.75 -16.47 18.08
C ALA A 404 8.58 -17.53 16.99
N LEU A 405 7.35 -17.88 16.61
CA LEU A 405 7.15 -18.89 15.56
C LEU A 405 7.56 -18.31 14.20
N ASP A 406 7.46 -16.99 13.97
CA ASP A 406 7.92 -16.38 12.70
C ASP A 406 9.46 -16.40 12.59
N VAL A 407 10.19 -16.55 13.69
CA VAL A 407 11.66 -16.84 13.64
C VAL A 407 11.90 -18.06 12.77
N LEU A 408 11.06 -19.09 12.88
CA LEU A 408 11.21 -20.32 12.09
C LEU A 408 11.12 -20.05 10.58
N ARG A 409 10.31 -19.10 10.16
CA ARG A 409 10.24 -18.71 8.72
C ARG A 409 11.53 -17.94 8.34
N ASP A 410 11.96 -17.01 9.18
CA ASP A 410 13.10 -16.11 8.92
C ASP A 410 14.44 -16.87 8.93
N LEU A 411 14.61 -17.91 9.74
CA LEU A 411 15.84 -18.71 9.91
C LEU A 411 16.06 -19.69 8.76
N ARG A 412 15.10 -19.88 7.87
CA ARG A 412 15.27 -20.89 6.80
C ARG A 412 16.58 -20.68 6.04
N ASN A 413 17.01 -19.44 5.80
CA ASN A 413 18.28 -19.11 5.09
C ASN A 413 19.48 -19.76 5.80
N GLU A 414 19.58 -19.57 7.12
CA GLU A 414 20.65 -20.11 7.97
C GLU A 414 20.53 -21.63 8.07
N LEU A 415 19.34 -22.20 8.25
CA LEU A 415 19.21 -23.69 8.32
C LEU A 415 19.62 -24.33 6.99
N ARG A 416 19.26 -23.72 5.86
CA ARG A 416 19.68 -24.23 4.54
C ARG A 416 21.21 -24.30 4.53
N LEU A 417 21.91 -23.25 4.95
CA LEU A 417 23.39 -23.27 4.90
C LEU A 417 23.94 -24.36 5.83
N VAL A 418 23.25 -24.76 6.89
CA VAL A 418 23.71 -25.87 7.78
C VAL A 418 23.43 -27.22 7.11
N VAL A 419 22.25 -27.44 6.53
CA VAL A 419 21.82 -28.83 6.25
C VAL A 419 22.02 -29.18 4.78
N ASP A 420 22.18 -28.23 3.86
CA ASP A 420 22.16 -28.53 2.41
C ASP A 420 23.48 -29.22 1.99
N HIS A 421 23.50 -29.93 0.86
CA HIS A 421 24.75 -30.52 0.29
C HIS A 421 25.44 -31.39 1.34
N ARG A 422 24.67 -32.25 1.98
CA ARG A 422 25.19 -33.27 2.94
C ARG A 422 25.80 -32.57 4.16
N GLY A 423 25.16 -31.53 4.71
CA GLY A 423 25.68 -30.85 5.93
C GLY A 423 25.33 -31.60 7.19
N LEU A 424 24.45 -32.60 7.10
CA LEU A 424 24.08 -33.52 8.22
C LEU A 424 24.54 -34.93 7.89
N ARG A 425 24.70 -35.74 8.95
CA ARG A 425 24.82 -37.21 8.80
C ARG A 425 23.49 -37.70 8.25
N GLY A 426 23.53 -38.78 7.47
CA GLY A 426 22.35 -39.40 6.85
C GLY A 426 21.28 -39.82 7.85
N ASP A 427 21.67 -40.46 8.94
CA ASP A 427 20.70 -40.99 9.92
C ASP A 427 20.00 -39.79 10.59
N SER A 428 20.70 -38.70 10.88
CA SER A 428 20.12 -37.44 11.42
C SER A 428 19.20 -36.78 10.35
N ARG A 429 19.65 -36.70 9.10
CA ARG A 429 18.81 -36.14 8.01
C ARG A 429 17.47 -36.90 8.01
N ARG A 430 17.51 -38.24 8.04
CA ARG A 430 16.30 -39.07 7.99
C ARG A 430 15.47 -38.87 9.27
N ASP A 431 16.02 -39.15 10.43
CA ASP A 431 15.20 -39.33 11.66
C ASP A 431 14.95 -38.00 12.36
N HIS A 432 15.81 -36.99 12.18
CA HIS A 432 15.66 -35.68 12.88
C HIS A 432 15.05 -34.62 11.96
N LEU A 433 15.59 -34.40 10.76
CA LEU A 433 15.09 -33.33 9.85
C LEU A 433 13.85 -33.83 9.12
N ASP A 434 13.95 -34.83 8.25
CA ASP A 434 12.80 -35.17 7.36
C ASP A 434 11.61 -35.72 8.17
N ARG A 435 11.80 -36.46 9.26
CA ARG A 435 10.67 -37.15 9.92
C ARG A 435 10.16 -36.42 11.17
N TRP A 436 10.83 -35.39 11.67
CA TRP A 436 10.39 -34.67 12.88
C TRP A 436 10.40 -33.15 12.66
N TYR A 437 11.56 -32.51 12.44
CA TYR A 437 11.67 -31.04 12.37
C TYR A 437 10.83 -30.51 11.20
N THR A 438 10.93 -31.09 10.00
CA THR A 438 10.33 -30.50 8.80
C THR A 438 8.80 -30.44 8.95
N PRO A 439 8.09 -31.52 9.37
CA PRO A 439 6.66 -31.46 9.61
C PRO A 439 6.22 -30.57 10.78
N LEU A 440 6.98 -30.47 11.88
CA LEU A 440 6.68 -29.53 13.00
C LEU A 440 6.83 -28.10 12.52
N ASN A 441 7.87 -27.85 11.74
CA ASN A 441 8.23 -26.50 11.24
C ASN A 441 7.08 -26.01 10.34
N ALA A 442 6.56 -26.87 9.47
CA ALA A 442 5.47 -26.54 8.54
C ALA A 442 4.21 -26.20 9.37
N PHE A 443 3.89 -27.03 10.37
CA PHE A 443 2.71 -26.84 11.26
C PHE A 443 2.78 -25.48 11.98
N LEU A 444 3.97 -25.09 12.43
CA LEU A 444 4.18 -23.89 13.28
C LEU A 444 4.32 -22.64 12.41
N SER A 445 4.98 -22.72 11.27
CA SER A 445 5.44 -21.49 10.55
C SER A 445 5.06 -21.47 9.07
N ILE A 446 4.50 -22.54 8.49
CA ILE A 446 4.04 -22.53 7.07
C ILE A 446 2.52 -22.82 7.07
N GLY A 447 1.84 -22.15 7.96
CA GLY A 447 0.38 -22.18 8.05
C GLY A 447 -0.25 -21.03 7.30
N PRO A 448 -1.60 -20.94 7.37
CA PRO A 448 -2.32 -19.90 6.63
C PRO A 448 -2.37 -18.54 7.30
N PRO A 449 -2.81 -17.53 6.53
CA PRO A 449 -3.14 -16.24 7.10
C PRO A 449 -4.18 -16.43 8.21
N ARG A 450 -4.19 -15.48 9.13
CA ARG A 450 -5.16 -15.40 10.24
C ARG A 450 -6.60 -15.52 9.70
N ARG A 451 -6.92 -14.81 8.63
CA ARG A 451 -8.27 -14.78 8.00
C ARG A 451 -8.76 -16.23 7.79
N ARG A 452 -7.90 -17.16 7.36
CA ARG A 452 -8.28 -18.58 7.12
C ARG A 452 -8.63 -19.30 8.43
N ILE A 453 -8.00 -18.95 9.55
CA ILE A 453 -8.33 -19.58 10.86
C ILE A 453 -9.68 -19.03 11.36
N GLU A 454 -9.93 -17.74 11.17
CA GLU A 454 -11.22 -17.07 11.49
C GLU A 454 -12.38 -17.60 10.62
N GLU A 455 -12.16 -17.90 9.33
CA GLU A 455 -13.14 -18.58 8.44
C GLU A 455 -13.43 -20.00 8.90
N LEU A 456 -12.41 -20.81 9.19
CA LEU A 456 -12.59 -22.19 9.62
C LEU A 456 -13.38 -22.18 10.93
N THR A 457 -13.11 -21.25 11.81
CA THR A 457 -13.81 -21.19 13.12
C THR A 457 -15.31 -20.94 12.85
N ALA A 458 -15.66 -20.06 11.91
CA ALA A 458 -17.07 -19.75 11.59
C ALA A 458 -17.74 -20.98 10.94
N LEU A 459 -17.01 -21.70 10.08
CA LEU A 459 -17.48 -22.95 9.46
C LEU A 459 -17.69 -24.02 10.53
N LEU A 460 -16.86 -24.10 11.57
CA LEU A 460 -17.08 -25.04 12.67
C LEU A 460 -18.35 -24.62 13.46
N GLU A 461 -18.51 -23.35 13.78
CA GLU A 461 -19.73 -22.83 14.47
C GLU A 461 -21.00 -23.17 13.65
N ALA A 462 -20.99 -22.98 12.33
CA ALA A 462 -22.13 -23.27 11.44
C ALA A 462 -22.36 -24.79 11.26
N GLY A 463 -21.39 -25.63 11.64
CA GLY A 463 -21.43 -27.07 11.43
C GLY A 463 -21.12 -27.51 9.99
N VAL A 464 -20.66 -26.64 9.11
CA VAL A 464 -20.40 -27.04 7.70
C VAL A 464 -19.10 -27.84 7.60
N VAL A 465 -18.16 -27.58 8.52
CA VAL A 465 -16.90 -28.36 8.63
C VAL A 465 -16.90 -29.04 9.98
N GLU A 466 -16.49 -30.29 10.03
CA GLU A 466 -16.15 -30.94 11.31
C GLU A 466 -14.71 -31.44 11.21
N VAL A 467 -13.88 -31.17 12.22
CA VAL A 467 -12.52 -31.78 12.35
C VAL A 467 -12.66 -32.99 13.26
N LEU A 468 -12.23 -34.17 12.81
CA LEU A 468 -12.58 -35.46 13.46
C LEU A 468 -11.75 -35.67 14.73
N GLY A 469 -10.47 -35.29 14.72
CA GLY A 469 -9.63 -35.38 15.93
C GLY A 469 -8.30 -36.05 15.63
N PRO A 470 -7.43 -36.22 16.64
CA PRO A 470 -6.08 -36.74 16.41
C PRO A 470 -6.01 -38.19 15.87
N ARG A 471 -4.92 -38.49 15.20
CA ARG A 471 -4.55 -39.85 14.73
C ARG A 471 -5.63 -40.43 13.82
N LEU A 472 -6.10 -39.64 12.85
CA LEU A 472 -7.15 -40.02 11.86
C LEU A 472 -6.89 -41.45 11.37
N GLU A 473 -7.89 -42.32 11.42
CA GLU A 473 -7.89 -43.68 10.84
C GLU A 473 -8.98 -43.76 9.78
N VAL A 474 -8.64 -44.31 8.64
CA VAL A 474 -9.59 -44.41 7.50
C VAL A 474 -9.56 -45.86 7.05
N THR A 475 -10.68 -46.55 6.94
CA THR A 475 -10.72 -47.96 6.49
C THR A 475 -11.74 -48.08 5.39
N ARG A 476 -11.54 -49.03 4.48
CA ARG A 476 -12.42 -49.27 3.32
C ARG A 476 -13.56 -50.19 3.76
N GLU A 477 -14.82 -49.86 3.45
CA GLU A 477 -16.03 -50.64 3.82
C GLU A 477 -16.92 -50.80 2.59
N ASP A 478 -17.94 -51.67 2.63
CA ASP A 478 -18.93 -51.75 1.53
C ASP A 478 -19.59 -50.39 1.31
N GLY A 479 -19.44 -49.80 0.14
CA GLY A 479 -20.12 -48.54 -0.22
C GLY A 479 -19.54 -47.26 0.40
N ALA A 480 -18.42 -47.29 1.11
CA ALA A 480 -17.88 -46.04 1.69
C ALA A 480 -16.46 -46.20 2.21
N TRP A 481 -15.89 -45.10 2.72
CA TRP A 481 -14.79 -45.18 3.71
C TRP A 481 -15.34 -44.79 5.07
N LEU A 482 -14.85 -45.45 6.11
CA LEU A 482 -15.10 -45.10 7.53
C LEU A 482 -13.89 -44.34 8.05
N ALA A 483 -14.11 -43.11 8.51
CA ALA A 483 -13.12 -42.18 9.10
C ALA A 483 -13.48 -41.99 10.58
N ARG A 484 -12.50 -42.10 11.47
CA ARG A 484 -12.70 -41.83 12.91
C ARG A 484 -11.40 -41.32 13.51
N SER A 485 -11.49 -40.76 14.69
CA SER A 485 -10.31 -40.51 15.56
C SER A 485 -10.42 -41.48 16.71
N PRO A 486 -9.39 -42.28 16.97
CA PRO A 486 -9.37 -43.10 18.17
C PRO A 486 -9.30 -42.27 19.47
N ASP A 487 -9.04 -40.97 19.45
CA ASP A 487 -9.05 -40.11 20.67
C ASP A 487 -10.41 -39.41 20.86
N VAL A 488 -11.35 -39.54 19.92
CA VAL A 488 -12.65 -38.84 20.03
C VAL A 488 -13.77 -39.84 19.79
N PRO A 489 -14.40 -40.36 20.88
CA PRO A 489 -15.54 -41.28 20.77
C PRO A 489 -16.70 -40.62 20.02
N GLY A 490 -17.31 -41.36 19.10
CA GLY A 490 -18.49 -40.88 18.37
C GLY A 490 -18.09 -40.10 17.15
N SER A 491 -16.81 -40.17 16.75
CA SER A 491 -16.29 -39.37 15.61
C SER A 491 -16.50 -40.15 14.31
N ALA A 492 -16.78 -41.44 14.38
CA ALA A 492 -16.94 -42.31 13.18
C ALA A 492 -17.93 -41.68 12.17
N VAL A 493 -17.60 -41.65 10.91
CA VAL A 493 -18.49 -41.18 9.81
C VAL A 493 -18.14 -41.94 8.54
N ARG A 494 -19.16 -42.43 7.81
CA ARG A 494 -19.00 -43.04 6.48
C ARG A 494 -19.05 -41.95 5.43
N VAL A 495 -18.03 -41.87 4.60
CA VAL A 495 -17.94 -40.81 3.55
C VAL A 495 -17.95 -41.52 2.20
N THR A 496 -18.34 -40.77 1.16
CA THR A 496 -18.41 -41.26 -0.25
C THR A 496 -17.43 -40.50 -1.15
N THR A 497 -16.73 -39.49 -0.61
CA THR A 497 -15.56 -38.80 -1.25
C THR A 497 -14.39 -38.71 -0.26
N LEU A 498 -13.23 -39.21 -0.69
CA LEU A 498 -11.97 -39.15 0.07
C LEU A 498 -10.99 -38.29 -0.75
N ILE A 499 -10.66 -37.11 -0.22
CA ILE A 499 -9.66 -36.19 -0.82
C ILE A 499 -8.36 -36.30 -0.03
N GLU A 500 -7.27 -36.64 -0.72
CA GLU A 500 -5.91 -36.59 -0.11
C GLU A 500 -5.44 -35.13 -0.20
N ALA A 501 -5.61 -34.36 0.89
CA ALA A 501 -5.43 -32.89 0.83
C ALA A 501 -3.96 -32.55 1.13
N ARG A 502 -3.09 -32.81 0.17
CA ARG A 502 -1.62 -32.57 0.21
C ARG A 502 -1.08 -32.65 -1.23
N LEU A 503 0.04 -31.97 -1.48
CA LEU A 503 0.75 -32.03 -2.79
C LEU A 503 1.56 -33.30 -2.77
N PRO A 504 1.88 -33.89 -3.94
CA PRO A 504 2.93 -34.91 -4.04
C PRO A 504 4.27 -34.31 -3.58
N GLU A 505 5.01 -35.01 -2.75
CA GLU A 505 6.39 -34.62 -2.39
C GLU A 505 7.37 -35.04 -3.51
N PRO A 506 8.44 -34.25 -3.69
CA PRO A 506 9.48 -34.59 -4.67
C PRO A 506 10.02 -35.99 -4.37
N ASP A 507 10.00 -36.86 -5.36
CA ASP A 507 10.52 -38.24 -5.24
C ASP A 507 11.03 -38.72 -6.60
N LEU A 508 12.33 -38.65 -6.83
CA LEU A 508 12.88 -39.02 -8.15
C LEU A 508 12.53 -40.48 -8.44
N GLY A 509 12.64 -41.34 -7.44
CA GLY A 509 12.40 -42.79 -7.53
C GLY A 509 10.98 -43.11 -7.97
N GLN A 510 9.98 -42.32 -7.58
CA GLN A 510 8.58 -42.54 -8.00
C GLN A 510 8.11 -41.50 -9.00
N THR A 511 8.98 -40.82 -9.75
CA THR A 511 8.53 -39.63 -10.55
C THR A 511 7.58 -40.10 -11.65
N ALA A 512 6.64 -39.26 -12.06
CA ALA A 512 5.80 -39.54 -13.23
C ALA A 512 6.17 -38.60 -14.36
N ASP A 513 7.23 -37.81 -14.21
CA ASP A 513 7.71 -37.00 -15.35
C ASP A 513 8.48 -37.95 -16.26
N ALA A 514 8.14 -37.99 -17.55
CA ALA A 514 8.78 -38.83 -18.56
C ALA A 514 10.28 -38.47 -18.67
N LEU A 515 10.60 -37.18 -18.75
CA LEU A 515 12.01 -36.70 -18.87
C LEU A 515 12.88 -37.23 -17.72
N LEU A 516 12.53 -37.05 -16.45
CA LEU A 516 13.38 -37.56 -15.35
C LEU A 516 13.38 -39.09 -15.30
N ALA A 517 12.25 -39.75 -15.59
CA ALA A 517 12.21 -41.24 -15.64
C ALA A 517 13.22 -41.73 -16.70
N HIS A 518 13.29 -41.07 -17.85
CA HIS A 518 14.26 -41.42 -18.93
C HIS A 518 15.71 -41.25 -18.45
N LEU A 519 16.02 -40.10 -17.88
CA LEU A 519 17.34 -39.80 -17.29
C LEU A 519 17.66 -40.85 -16.22
N ARG A 520 16.72 -41.19 -15.33
CA ARG A 520 17.00 -42.19 -14.27
C ARG A 520 17.26 -43.57 -14.94
N GLU A 521 16.44 -44.03 -15.86
CA GLU A 521 16.58 -45.40 -16.44
C GLU A 521 17.91 -45.51 -17.20
N THR A 522 18.35 -44.48 -17.91
CA THR A 522 19.56 -44.55 -18.76
C THR A 522 20.78 -44.16 -17.92
N GLY A 523 20.66 -43.96 -16.62
CA GLY A 523 21.83 -43.67 -15.75
C GLY A 523 22.38 -42.23 -15.86
N GLN A 524 21.59 -41.28 -16.41
CA GLN A 524 21.99 -39.86 -16.61
C GLN A 524 21.63 -38.96 -15.41
N CYS A 525 20.90 -39.43 -14.41
CA CYS A 525 20.72 -38.72 -13.12
C CYS A 525 20.61 -39.79 -12.04
N ARG A 526 20.56 -39.38 -10.80
CA ARG A 526 20.37 -40.34 -9.70
C ARG A 526 19.75 -39.61 -8.50
N ALA A 527 19.29 -40.39 -7.53
CA ALA A 527 18.77 -39.88 -6.26
C ALA A 527 19.96 -39.35 -5.43
N HIS A 528 19.79 -38.20 -4.79
CA HIS A 528 20.81 -37.68 -3.86
C HIS A 528 20.82 -38.56 -2.61
N VAL A 529 21.98 -39.10 -2.28
CA VAL A 529 22.20 -40.01 -1.12
C VAL A 529 23.15 -39.32 -0.14
N VAL A 530 22.83 -39.36 1.15
CA VAL A 530 23.65 -38.84 2.29
C VAL A 530 23.98 -40.02 3.20
N ASP A 531 25.24 -40.46 3.25
CA ASP A 531 25.69 -41.65 4.05
C ASP A 531 24.67 -42.78 4.01
N GLY A 532 24.30 -43.31 2.86
CA GLY A 532 23.39 -44.48 2.93
C GLY A 532 21.93 -44.13 3.16
N TYR A 533 21.54 -42.85 3.32
CA TYR A 533 20.11 -42.47 3.31
C TYR A 533 19.78 -41.88 1.93
N THR A 534 18.85 -42.52 1.22
CA THR A 534 18.38 -42.07 -0.11
C THR A 534 17.29 -41.02 0.07
N THR A 535 17.50 -39.81 -0.47
CA THR A 535 16.44 -38.77 -0.43
C THR A 535 15.60 -38.88 -1.71
N GLY A 536 14.62 -38.01 -1.84
CA GLY A 536 13.76 -37.93 -3.02
C GLY A 536 14.28 -36.99 -4.06
N GLY A 537 15.41 -36.34 -3.77
CA GLY A 537 15.92 -35.25 -4.62
C GLY A 537 16.80 -35.77 -5.74
N ILE A 538 16.83 -35.03 -6.84
CA ILE A 538 17.77 -35.31 -7.96
C ILE A 538 19.13 -34.75 -7.57
N ASP A 539 20.20 -35.50 -7.80
CA ASP A 539 21.56 -35.15 -7.31
C ASP A 539 22.17 -34.08 -8.22
N VAL A 540 22.71 -33.02 -7.62
CA VAL A 540 23.39 -31.91 -8.33
C VAL A 540 24.67 -31.57 -7.57
N SER A 541 25.63 -31.03 -8.26
CA SER A 541 26.85 -30.48 -7.66
C SER A 541 26.49 -29.21 -6.86
N ALA A 542 27.45 -28.72 -6.09
CA ALA A 542 27.45 -27.35 -5.57
C ALA A 542 27.12 -26.38 -6.73
N ARG A 543 26.62 -25.21 -6.37
CA ARG A 543 26.28 -24.09 -7.28
C ARG A 543 27.38 -23.97 -8.30
N PRO A 544 27.13 -23.93 -9.62
CA PRO A 544 25.81 -23.79 -10.22
C PRO A 544 24.93 -25.00 -10.59
N TYR A 545 25.10 -26.12 -9.87
CA TYR A 545 24.16 -27.26 -9.80
C TYR A 545 24.18 -28.10 -11.09
N HIS A 546 25.38 -28.58 -11.44
CA HIS A 546 25.54 -29.55 -12.53
C HIS A 546 24.75 -30.83 -12.17
N LEU A 547 24.08 -31.42 -13.13
CA LEU A 547 23.39 -32.71 -12.95
C LEU A 547 24.46 -33.82 -12.79
N VAL A 548 24.31 -34.67 -11.79
CA VAL A 548 25.27 -35.77 -11.47
C VAL A 548 24.68 -37.11 -11.96
N ASP A 549 25.45 -37.89 -12.72
CA ASP A 549 24.95 -39.14 -13.32
C ASP A 549 25.09 -40.28 -12.29
N ARG A 550 24.59 -41.46 -12.62
CA ARG A 550 24.62 -42.63 -11.69
C ARG A 550 26.04 -42.87 -11.17
N GLU A 551 27.06 -42.62 -11.99
CA GLU A 551 28.46 -42.95 -11.61
C GLU A 551 29.11 -41.77 -10.86
N GLY A 552 28.42 -40.66 -10.65
CA GLY A 552 29.01 -39.56 -9.87
C GLY A 552 29.68 -38.52 -10.75
N VAL A 553 29.37 -38.48 -12.05
CA VAL A 553 29.98 -37.55 -13.02
C VAL A 553 29.07 -36.33 -13.22
N ALA A 554 29.63 -35.18 -12.98
CA ALA A 554 28.93 -33.90 -13.15
C ALA A 554 28.91 -33.54 -14.63
N HIS A 555 27.74 -33.25 -15.20
CA HIS A 555 27.59 -32.88 -16.62
C HIS A 555 27.91 -31.40 -16.79
N PRO A 556 28.78 -31.06 -17.75
CA PRO A 556 29.12 -29.66 -18.03
C PRO A 556 28.03 -28.79 -18.66
N ARG A 557 26.97 -29.40 -19.19
CA ARG A 557 25.97 -28.71 -20.03
C ARG A 557 24.55 -28.89 -19.48
N ARG A 558 24.42 -29.43 -18.27
CA ARG A 558 23.09 -29.67 -17.68
C ARG A 558 23.08 -29.15 -16.26
N PHE A 559 22.03 -28.43 -15.93
CA PHE A 559 21.87 -27.76 -14.62
C PHE A 559 20.43 -28.03 -14.17
N ALA A 560 20.23 -28.23 -12.89
CA ALA A 560 18.89 -28.43 -12.28
C ALA A 560 18.82 -27.56 -11.05
N PHE A 561 17.66 -26.94 -10.93
CA PHE A 561 17.35 -25.75 -10.11
C PHE A 561 15.89 -25.91 -9.58
N GLY A 562 15.76 -26.06 -8.28
CA GLY A 562 14.51 -25.84 -7.51
C GLY A 562 13.97 -27.12 -6.91
N VAL A 563 12.66 -27.30 -7.07
CA VAL A 563 11.86 -28.24 -6.22
C VAL A 563 12.35 -29.68 -6.39
N PRO A 564 12.64 -30.15 -7.63
CA PRO A 564 13.15 -31.51 -7.80
C PRO A 564 14.44 -31.78 -7.02
N THR A 565 15.20 -30.77 -6.52
CA THR A 565 16.46 -31.01 -5.76
C THR A 565 16.21 -31.14 -4.25
N GLU A 566 14.98 -31.02 -3.77
CA GLU A 566 14.62 -31.20 -2.34
C GLU A 566 15.31 -32.49 -1.82
N GLY A 567 16.21 -32.36 -0.84
CA GLY A 567 17.14 -33.40 -0.33
C GLY A 567 18.56 -32.85 -0.38
N VAL A 568 18.95 -32.41 -1.56
CA VAL A 568 20.15 -31.53 -1.71
C VAL A 568 19.90 -30.24 -0.96
N HIS A 569 18.70 -29.70 -1.13
CA HIS A 569 18.29 -28.37 -0.63
C HIS A 569 17.06 -28.56 0.26
N TRP A 570 16.88 -27.70 1.24
CA TRP A 570 15.79 -27.81 2.22
C TRP A 570 14.81 -26.64 1.99
N VAL A 571 13.53 -26.99 1.89
CA VAL A 571 12.34 -26.14 1.61
C VAL A 571 12.56 -25.36 0.32
N THR A 572 12.54 -26.08 -0.80
CA THR A 572 12.64 -25.50 -2.15
C THR A 572 11.30 -24.87 -2.55
N ALA A 573 10.20 -25.23 -1.91
CA ALA A 573 8.85 -24.74 -2.33
C ALA A 573 8.59 -23.36 -1.69
N ALA A 574 9.25 -22.32 -2.18
CA ALA A 574 9.21 -20.96 -1.64
C ALA A 574 9.73 -20.01 -2.72
N GLY A 575 9.05 -18.89 -2.93
CA GLY A 575 9.49 -17.83 -3.85
C GLY A 575 10.53 -16.91 -3.23
N ALA A 576 11.14 -16.10 -4.08
CA ALA A 576 12.07 -15.02 -3.68
C ALA A 576 11.41 -13.96 -2.79
N ARG A 577 12.15 -13.49 -1.80
CA ARG A 577 11.81 -12.32 -0.96
C ARG A 577 12.81 -11.22 -1.28
N PRO A 578 12.33 -9.96 -1.29
CA PRO A 578 13.19 -8.80 -1.49
C PRO A 578 13.90 -8.36 -0.21
N GLY A 579 15.06 -7.69 -0.42
CA GLY A 579 15.90 -7.07 0.62
C GLY A 579 16.59 -8.03 1.56
N VAL A 580 16.68 -9.34 1.29
CA VAL A 580 17.29 -10.30 2.26
C VAL A 580 18.42 -11.14 1.63
N ASP A 581 19.05 -10.68 0.56
CA ASP A 581 20.04 -11.48 -0.21
C ASP A 581 19.45 -12.84 -0.57
N SER A 582 18.33 -12.82 -1.27
CA SER A 582 17.64 -14.06 -1.70
C SER A 582 18.60 -15.01 -2.48
N VAL A 583 18.72 -16.23 -1.96
CA VAL A 583 19.46 -17.33 -2.59
C VAL A 583 18.73 -17.77 -3.87
N THR A 584 17.39 -17.69 -3.95
CA THR A 584 16.64 -18.07 -5.16
C THR A 584 17.07 -17.19 -6.35
N LEU A 585 17.28 -15.91 -6.10
CA LEU A 585 17.71 -14.91 -7.11
C LEU A 585 19.20 -15.05 -7.40
N SER A 586 20.07 -15.19 -6.40
CA SER A 586 21.52 -15.42 -6.63
C SER A 586 21.77 -16.82 -7.23
N ASP A 587 20.94 -17.82 -6.98
CA ASP A 587 21.05 -19.16 -7.64
C ASP A 587 20.68 -19.01 -9.14
N ALA A 588 19.65 -18.26 -9.49
CA ALA A 588 19.22 -18.06 -10.89
C ALA A 588 20.34 -17.35 -11.63
N ASP A 589 20.92 -16.35 -10.99
CA ASP A 589 22.04 -15.58 -11.59
C ASP A 589 23.25 -16.51 -11.84
N ALA A 590 23.65 -17.36 -10.88
CA ALA A 590 24.82 -18.25 -11.04
C ALA A 590 24.56 -19.29 -12.15
N VAL A 591 23.37 -19.89 -12.21
CA VAL A 591 22.95 -20.83 -13.28
C VAL A 591 23.00 -20.13 -14.63
N ALA A 592 22.44 -18.91 -14.74
CA ALA A 592 22.48 -18.21 -16.05
C ALA A 592 23.92 -17.94 -16.50
N ARG A 593 24.78 -17.53 -15.59
CA ARG A 593 26.16 -17.16 -15.97
C ARG A 593 26.92 -18.43 -16.39
N ALA A 594 26.70 -19.60 -15.74
CA ALA A 594 27.32 -20.88 -16.14
C ALA A 594 26.86 -21.28 -17.56
N VAL A 595 25.59 -21.13 -17.85
CA VAL A 595 25.00 -21.44 -19.19
C VAL A 595 25.68 -20.55 -20.23
N LEU A 596 25.78 -19.25 -19.96
CA LEU A 596 26.39 -18.33 -20.95
C LEU A 596 27.86 -18.69 -21.14
N ARG A 597 28.60 -19.09 -20.10
CA ARG A 597 30.04 -19.48 -20.23
C ARG A 597 30.19 -20.79 -21.03
N VAL A 598 29.32 -21.79 -20.86
CA VAL A 598 29.43 -23.07 -21.62
C VAL A 598 29.01 -22.82 -23.07
N ALA A 599 28.15 -21.86 -23.38
CA ALA A 599 27.77 -21.52 -24.78
C ALA A 599 28.83 -20.62 -25.44
N GLY A 600 29.48 -19.76 -24.66
CA GLY A 600 30.19 -18.57 -25.14
C GLY A 600 31.66 -18.86 -25.37
N GLN A 601 32.09 -20.10 -25.16
CA GLN A 601 33.43 -20.53 -25.61
C GLN A 601 33.58 -20.27 -27.12
N MET B 1 34.74 16.72 -5.43
CA MET B 1 33.99 16.63 -6.73
C MET B 1 32.65 17.37 -6.57
N PRO B 2 32.33 18.41 -7.41
CA PRO B 2 31.08 19.18 -7.27
C PRO B 2 29.82 18.43 -7.75
N LEU B 3 28.69 18.82 -7.16
CA LEU B 3 27.37 18.16 -7.33
C LEU B 3 26.34 19.23 -7.70
N SER B 4 25.33 18.79 -8.45
CA SER B 4 24.15 19.58 -8.90
C SER B 4 22.85 18.89 -8.53
N VAL B 5 21.91 19.67 -8.03
CA VAL B 5 20.49 19.24 -7.98
C VAL B 5 19.58 20.38 -8.48
N ALA B 6 18.30 20.06 -8.74
CA ALA B 6 17.28 21.02 -9.19
C ALA B 6 16.02 20.90 -8.36
N VAL B 7 15.44 22.05 -8.08
CA VAL B 7 14.05 22.23 -7.60
C VAL B 7 13.24 22.90 -8.71
N VAL B 8 12.23 22.18 -9.19
CA VAL B 8 11.25 22.66 -10.18
C VAL B 8 10.07 23.19 -9.36
N GLY B 9 9.97 24.52 -9.31
CA GLY B 9 8.93 25.29 -8.61
C GLY B 9 9.56 26.01 -7.44
N ALA B 10 9.31 27.31 -7.31
CA ALA B 10 9.88 28.16 -6.23
C ALA B 10 8.76 28.99 -5.60
N GLY B 11 7.61 28.37 -5.39
CA GLY B 11 6.64 28.94 -4.45
C GLY B 11 7.00 28.54 -3.01
N PRO B 12 6.02 28.60 -2.11
CA PRO B 12 6.24 28.21 -0.73
C PRO B 12 6.92 26.83 -0.60
N ARG B 13 6.54 25.80 -1.37
CA ARG B 13 7.09 24.43 -1.13
C ARG B 13 8.52 24.33 -1.69
N GLY B 14 8.79 24.82 -2.89
CA GLY B 14 10.12 24.73 -3.45
C GLY B 14 11.08 25.55 -2.61
N THR B 15 10.61 26.65 -2.01
CA THR B 15 11.43 27.59 -1.19
C THR B 15 11.79 26.92 0.14
N SER B 16 10.80 26.31 0.78
CA SER B 16 10.95 25.52 2.03
C SER B 16 12.00 24.42 1.79
N VAL B 17 11.97 23.78 0.64
CA VAL B 17 12.92 22.69 0.32
C VAL B 17 14.33 23.27 0.18
N LEU B 18 14.47 24.44 -0.41
CA LEU B 18 15.80 25.08 -0.51
C LEU B 18 16.33 25.45 0.88
N GLU B 19 15.48 26.04 1.73
CA GLU B 19 15.82 26.42 3.11
C GLU B 19 16.34 25.18 3.87
N ARG B 20 15.72 24.02 3.66
CA ARG B 20 16.02 22.76 4.36
C ARG B 20 17.29 22.14 3.76
N LEU B 21 17.51 22.27 2.44
CA LEU B 21 18.75 21.77 1.80
C LEU B 21 19.93 22.51 2.46
N CYS B 22 19.82 23.83 2.60
CA CYS B 22 20.83 24.69 3.27
C CYS B 22 21.01 24.24 4.73
N ALA B 23 19.96 23.98 5.47
CA ALA B 23 20.03 23.56 6.89
C ALA B 23 20.84 22.27 7.05
N SER B 24 20.74 21.32 6.14
CA SER B 24 21.27 19.95 6.35
C SER B 24 22.55 19.71 5.54
N ALA B 25 22.94 20.62 4.63
CA ALA B 25 24.14 20.48 3.77
C ALA B 25 25.45 20.32 4.59
N PRO B 26 25.70 21.13 5.65
CA PRO B 26 26.84 20.91 6.55
C PRO B 26 26.97 19.45 7.02
N GLU B 27 25.91 18.87 7.59
CA GLU B 27 25.87 17.48 8.12
C GLU B 27 26.10 16.47 6.99
N LEU B 28 25.53 16.65 5.79
CA LEU B 28 25.29 15.49 4.89
C LEU B 28 26.17 15.54 3.65
N LEU B 29 26.71 16.69 3.26
CA LEU B 29 27.69 16.70 2.12
C LEU B 29 29.03 16.08 2.54
N ALA B 30 29.66 15.27 1.67
CA ALA B 30 31.05 14.76 1.87
C ALA B 30 32.04 15.91 2.05
N PRO B 31 33.21 15.65 2.67
CA PRO B 31 34.15 16.73 2.98
C PRO B 31 34.64 17.43 1.70
N GLY B 32 34.62 18.77 1.72
CA GLY B 32 35.07 19.61 0.60
C GLY B 32 34.16 19.56 -0.63
N VAL B 33 32.94 19.03 -0.57
CA VAL B 33 32.10 18.90 -1.80
C VAL B 33 31.22 20.15 -1.92
N ARG B 34 31.20 20.79 -3.11
CA ARG B 34 30.34 21.99 -3.38
C ARG B 34 29.06 21.53 -4.07
N LEU B 35 27.91 21.99 -3.61
CA LEU B 35 26.60 21.57 -4.19
C LEU B 35 25.99 22.76 -4.90
N THR B 36 25.59 22.62 -6.17
CA THR B 36 24.81 23.70 -6.85
C THR B 36 23.33 23.32 -6.81
N VAL B 37 22.49 24.21 -6.25
CA VAL B 37 21.02 24.08 -6.35
C VAL B 37 20.47 24.96 -7.47
N HIS B 38 20.01 24.37 -8.57
CA HIS B 38 19.22 25.02 -9.64
C HIS B 38 17.74 25.19 -9.23
N VAL B 39 17.31 26.42 -8.98
CA VAL B 39 15.89 26.79 -8.69
C VAL B 39 15.21 27.29 -9.98
N VAL B 40 14.21 26.58 -10.49
CA VAL B 40 13.58 26.82 -11.81
C VAL B 40 12.13 27.23 -11.57
N ASP B 41 11.73 28.44 -11.98
CA ASP B 41 10.33 28.94 -11.94
C ASP B 41 10.17 30.08 -12.96
N PRO B 42 9.11 30.09 -13.81
CA PRO B 42 8.81 31.26 -14.65
C PRO B 42 8.55 32.54 -13.82
N ALA B 43 8.09 32.43 -12.58
CA ALA B 43 7.84 33.58 -11.68
C ALA B 43 9.08 33.86 -10.82
N PRO B 44 9.16 35.04 -10.16
CA PRO B 44 10.26 35.33 -9.25
C PRO B 44 10.26 34.39 -8.05
N PRO B 45 11.44 33.85 -7.67
CA PRO B 45 11.51 32.78 -6.67
C PRO B 45 11.20 33.26 -5.26
N GLY B 46 10.45 32.43 -4.53
CA GLY B 46 9.96 32.66 -3.16
C GLY B 46 8.43 32.66 -3.16
N PRO B 47 7.81 33.70 -3.75
CA PRO B 47 6.34 33.78 -3.79
C PRO B 47 5.82 32.83 -4.87
N GLY B 48 6.64 32.63 -5.91
CA GLY B 48 6.24 32.05 -7.21
C GLY B 48 4.98 32.70 -7.74
N ARG B 49 4.25 32.00 -8.58
CA ARG B 49 3.09 32.52 -9.36
C ARG B 49 1.92 32.92 -8.44
N VAL B 50 1.53 32.13 -7.46
CA VAL B 50 0.29 32.43 -6.67
C VAL B 50 0.49 33.69 -5.84
N TRP B 51 1.65 33.91 -5.25
CA TRP B 51 1.82 34.97 -4.24
C TRP B 51 2.67 36.10 -4.79
N ARG B 52 2.96 36.13 -6.09
CA ARG B 52 3.82 37.18 -6.72
C ARG B 52 3.43 38.57 -6.18
N THR B 53 4.40 39.48 -6.02
CA THR B 53 4.19 40.83 -5.41
C THR B 53 3.39 41.73 -6.39
N ALA B 54 3.65 41.63 -7.70
CA ALA B 54 2.92 42.33 -8.78
C ALA B 54 1.53 41.72 -9.00
N GLN B 55 0.61 41.93 -8.06
CA GLN B 55 -0.81 41.49 -8.13
C GLN B 55 -1.66 42.47 -7.29
N SER B 56 -2.96 42.60 -7.56
CA SER B 56 -3.78 43.71 -6.97
C SER B 56 -3.86 43.46 -5.46
N GLU B 57 -3.70 44.51 -4.63
CA GLU B 57 -3.85 44.40 -3.15
C GLU B 57 -5.30 44.12 -2.78
N ASP B 58 -6.23 44.02 -3.72
CA ASP B 58 -7.66 43.73 -3.40
C ASP B 58 -7.80 42.33 -2.77
N LEU B 59 -6.99 41.35 -3.22
CA LEU B 59 -7.27 39.93 -2.91
C LEU B 59 -6.58 39.60 -1.58
N LEU B 60 -7.30 38.86 -0.74
CA LEU B 60 -6.91 38.52 0.64
C LEU B 60 -6.51 37.05 0.72
N MET B 61 -5.67 36.70 1.70
CA MET B 61 -5.53 35.32 2.24
C MET B 61 -6.75 34.96 3.07
N ASN B 62 -6.86 33.70 3.40
CA ASN B 62 -7.96 33.06 4.14
C ASN B 62 -7.43 32.55 5.51
N THR B 63 -6.19 32.95 5.82
CA THR B 63 -5.44 32.63 7.06
C THR B 63 -5.01 33.91 7.79
N VAL B 64 -5.14 33.92 9.12
CA VAL B 64 -4.70 35.10 9.94
C VAL B 64 -3.18 35.15 9.95
N ALA B 65 -2.65 36.36 10.08
CA ALA B 65 -1.24 36.71 9.78
C ALA B 65 -0.34 36.05 10.81
N SER B 66 -0.86 35.76 12.02
CA SER B 66 -0.07 35.12 13.09
C SER B 66 0.18 33.63 12.80
N GLN B 67 -0.52 33.03 11.82
CA GLN B 67 -0.47 31.58 11.54
C GLN B 67 0.15 31.33 10.16
N VAL B 68 0.82 32.31 9.61
CA VAL B 68 1.47 32.20 8.28
C VAL B 68 2.96 32.21 8.56
N THR B 69 3.68 31.17 8.14
CA THR B 69 5.15 31.11 8.34
C THR B 69 5.75 30.22 7.27
N LEU B 70 7.02 30.44 6.94
CA LEU B 70 7.82 29.47 6.18
C LEU B 70 9.00 28.92 7.01
N PHE B 71 8.97 28.99 8.35
CA PHE B 71 10.14 28.60 9.19
C PHE B 71 9.78 27.42 10.08
N THR B 72 10.75 26.51 10.27
CA THR B 72 10.66 25.44 11.31
C THR B 72 10.65 26.11 12.69
N ASP B 73 10.04 25.43 13.64
CA ASP B 73 9.99 25.78 15.08
C ASP B 73 10.17 24.50 15.92
N GLU B 74 10.31 24.70 17.23
CA GLU B 74 10.63 23.65 18.23
C GLU B 74 9.56 22.56 18.19
N SER B 75 8.33 22.86 17.78
CA SER B 75 7.23 21.84 17.78
C SER B 75 7.43 20.84 16.63
N VAL B 76 8.30 21.13 15.66
CA VAL B 76 8.37 20.32 14.41
C VAL B 76 9.27 19.11 14.64
N ASN B 77 8.71 17.91 14.55
CA ASN B 77 9.47 16.65 14.64
C ASN B 77 10.06 16.31 13.27
N CYS B 78 11.29 16.74 13.02
CA CYS B 78 12.05 16.43 11.78
C CYS B 78 13.48 16.09 12.19
N SER B 79 14.33 15.61 11.28
CA SER B 79 15.75 15.24 11.56
C SER B 79 16.70 16.42 11.35
N GLY B 80 16.37 17.35 10.46
CA GLY B 80 17.22 18.51 10.18
C GLY B 80 17.19 19.50 11.33
N PRO B 81 18.12 20.48 11.36
CA PRO B 81 18.14 21.53 12.37
C PRO B 81 16.96 22.51 12.31
N ILE B 82 16.35 22.79 13.47
CA ILE B 82 15.39 23.91 13.67
C ILE B 82 16.14 25.21 13.45
N LEU B 83 15.77 25.96 12.40
CA LEU B 83 16.25 27.33 12.14
C LEU B 83 15.05 28.28 12.22
N ALA B 84 14.77 28.76 13.43
CA ALA B 84 13.58 29.58 13.73
C ALA B 84 13.66 30.90 12.95
N GLY B 85 12.50 31.49 12.64
CA GLY B 85 12.37 32.72 11.82
C GLY B 85 11.05 33.40 12.12
N PRO B 86 10.86 34.68 11.74
CA PRO B 86 9.58 35.34 11.99
C PRO B 86 8.41 34.77 11.18
N SER B 87 7.27 34.58 11.83
CA SER B 87 5.96 34.46 11.13
C SER B 87 5.71 35.71 10.28
N LEU B 88 4.64 35.71 9.49
CA LEU B 88 4.26 36.91 8.66
C LEU B 88 3.90 38.09 9.60
N HIS B 89 3.05 37.88 10.60
CA HIS B 89 2.74 38.91 11.61
C HIS B 89 4.05 39.48 12.16
N GLU B 90 4.90 38.63 12.74
CA GLU B 90 6.14 39.11 13.37
C GLU B 90 6.96 39.91 12.37
N TRP B 91 7.09 39.50 11.10
CA TRP B 91 8.00 40.16 10.13
C TRP B 91 7.42 41.53 9.71
N ALA B 92 6.09 41.63 9.54
CA ALA B 92 5.32 42.83 9.14
C ALA B 92 5.40 43.90 10.24
N ASP B 93 5.74 43.51 11.47
CA ASP B 93 6.25 44.44 12.52
C ASP B 93 5.19 45.48 12.91
N GLY B 94 3.93 45.08 13.07
CA GLY B 94 2.84 46.00 13.48
C GLY B 94 1.96 46.51 12.33
N ALA B 95 2.46 46.52 11.08
CA ALA B 95 1.67 46.92 9.88
C ALA B 95 0.37 46.09 9.74
N ILE B 96 0.23 44.96 10.45
CA ILE B 96 -1.01 44.13 10.48
C ILE B 96 -1.14 43.47 11.85
N GLY B 97 -2.38 43.24 12.26
CA GLY B 97 -2.65 42.64 13.57
C GLY B 97 -2.62 41.13 13.46
N PRO B 98 -2.39 40.41 14.57
CA PRO B 98 -2.28 38.95 14.56
C PRO B 98 -3.50 38.16 14.02
N ASP B 99 -4.73 38.66 14.23
CA ASP B 99 -5.99 37.93 13.91
C ASP B 99 -6.71 38.55 12.70
N ASP B 100 -5.98 39.35 11.93
CA ASP B 100 -6.38 39.99 10.66
C ASP B 100 -5.91 39.12 9.49
N TYR B 101 -6.58 39.25 8.35
CA TYR B 101 -6.22 38.52 7.12
C TYR B 101 -5.37 39.38 6.24
N PRO B 102 -4.12 38.99 5.96
CA PRO B 102 -3.28 39.77 5.10
C PRO B 102 -3.73 39.69 3.64
N THR B 103 -3.13 40.56 2.83
CA THR B 103 -3.27 40.51 1.36
C THR B 103 -2.30 39.44 0.84
N ARG B 104 -2.61 38.87 -0.31
CA ARG B 104 -1.77 37.85 -0.98
C ARG B 104 -0.47 38.48 -1.41
N ALA B 105 -0.51 39.73 -1.85
CA ALA B 105 0.70 40.46 -2.22
C ALA B 105 1.60 40.66 -0.99
N LEU B 106 1.03 40.85 0.21
CA LEU B 106 1.87 41.02 1.44
C LEU B 106 2.63 39.70 1.73
N TYR B 107 1.91 38.57 1.79
CA TYR B 107 2.50 37.21 1.89
C TYR B 107 3.60 37.11 0.84
N GLY B 108 3.36 37.64 -0.35
CA GLY B 108 4.38 37.64 -1.40
C GLY B 108 5.67 38.37 -0.99
N ARG B 109 5.53 39.50 -0.29
CA ARG B 109 6.71 40.32 0.11
C ARG B 109 7.46 39.60 1.24
N TYR B 110 6.75 38.89 2.10
CA TYR B 110 7.36 37.95 3.09
C TYR B 110 8.19 36.87 2.37
N LEU B 111 7.59 36.19 1.38
CA LEU B 111 8.19 35.02 0.71
C LEU B 111 9.42 35.44 -0.08
N GLU B 112 9.37 36.65 -0.64
CA GLU B 112 10.48 37.30 -1.36
C GLU B 112 11.66 37.50 -0.41
N TRP B 113 11.37 38.04 0.78
CA TRP B 113 12.35 38.27 1.87
C TRP B 113 12.94 36.93 2.37
N VAL B 114 12.09 35.93 2.66
CA VAL B 114 12.52 34.55 3.10
C VAL B 114 13.47 33.97 2.05
N PHE B 115 13.19 34.12 0.77
CA PHE B 115 14.10 33.57 -0.27
C PHE B 115 15.45 34.31 -0.23
N ALA B 116 15.47 35.63 -0.07
CA ALA B 116 16.74 36.39 -0.10
C ALA B 116 17.55 36.03 1.16
N ARG B 117 16.89 35.98 2.31
CA ARG B 117 17.51 35.60 3.60
C ARG B 117 18.16 34.20 3.52
N THR B 118 17.50 33.24 2.86
CA THR B 118 17.98 31.84 2.70
C THR B 118 19.25 31.87 1.85
N LEU B 119 19.29 32.68 0.80
CA LEU B 119 20.52 32.88 -0.01
C LEU B 119 21.63 33.48 0.86
N ARG B 120 21.36 34.49 1.68
CA ARG B 120 22.42 35.18 2.44
C ARG B 120 23.00 34.21 3.49
N HIS B 121 22.18 33.39 4.16
CA HIS B 121 22.60 32.44 5.24
C HIS B 121 22.99 31.07 4.66
N ALA B 122 23.01 30.86 3.34
CA ALA B 122 23.42 29.56 2.77
C ALA B 122 24.81 29.23 3.29
N PRO B 123 25.14 27.99 3.69
CA PRO B 123 26.50 27.69 4.13
C PRO B 123 27.45 27.80 2.94
N PRO B 124 28.76 27.96 3.16
CA PRO B 124 29.70 28.13 2.06
C PRO B 124 29.74 26.98 1.03
N SER B 125 29.35 25.75 1.38
CA SER B 125 29.39 24.58 0.47
C SER B 125 28.23 24.57 -0.56
N VAL B 126 27.25 25.47 -0.45
CA VAL B 126 26.05 25.51 -1.34
C VAL B 126 26.08 26.77 -2.19
N ARG B 127 25.98 26.65 -3.51
CA ARG B 127 25.72 27.78 -4.45
C ARG B 127 24.30 27.59 -5.03
N VAL B 128 23.49 28.65 -5.07
CA VAL B 128 22.12 28.67 -5.67
C VAL B 128 22.18 29.36 -7.03
N GLU B 129 21.66 28.74 -8.08
CA GLU B 129 21.49 29.39 -9.40
C GLU B 129 19.99 29.38 -9.73
N THR B 130 19.40 30.56 -9.98
CA THR B 130 17.96 30.72 -10.35
C THR B 130 17.82 30.76 -11.89
N HIS B 131 16.74 30.17 -12.40
CA HIS B 131 16.36 30.12 -13.82
C HIS B 131 14.92 30.61 -13.92
N ARG B 132 14.75 31.78 -14.55
CA ARG B 132 13.43 32.35 -14.88
C ARG B 132 12.94 31.63 -16.14
N ALA B 133 12.35 30.47 -15.99
CA ALA B 133 11.97 29.57 -17.10
C ALA B 133 11.08 28.49 -16.53
N ARG B 134 10.43 27.74 -17.43
CA ARG B 134 9.57 26.59 -17.10
C ARG B 134 10.40 25.35 -17.49
N ALA B 135 10.46 24.32 -16.64
CA ALA B 135 11.01 23.01 -17.07
C ALA B 135 9.98 22.30 -17.94
N VAL B 136 10.42 21.62 -19.00
CA VAL B 136 9.47 20.98 -19.97
C VAL B 136 9.81 19.53 -20.26
N ARG B 137 11.03 19.04 -20.01
CA ARG B 137 11.35 17.61 -20.08
C ARG B 137 12.29 17.23 -18.93
N LEU B 138 12.29 15.93 -18.57
CA LEU B 138 13.13 15.32 -17.53
C LEU B 138 13.34 13.87 -17.94
N ASP B 139 14.61 13.45 -18.02
CA ASP B 139 14.99 12.08 -18.46
C ASP B 139 16.27 11.66 -17.70
N ASP B 140 16.46 10.35 -17.55
CA ASP B 140 17.67 9.68 -16.99
C ASP B 140 18.75 9.71 -18.07
N ALA B 141 19.97 10.13 -17.76
CA ALA B 141 21.16 9.96 -18.63
C ALA B 141 21.69 8.55 -18.42
N ALA B 142 22.61 8.10 -19.29
CA ALA B 142 23.08 6.69 -19.35
C ALA B 142 23.62 6.23 -17.98
N ASP B 143 24.23 7.14 -17.20
CA ASP B 143 24.86 6.83 -15.88
C ASP B 143 23.93 7.15 -14.70
N GLY B 144 22.60 7.24 -14.87
CA GLY B 144 21.62 7.47 -13.78
C GLY B 144 21.49 8.92 -13.32
N ARG B 145 22.40 9.81 -13.73
CA ARG B 145 22.23 11.28 -13.57
C ARG B 145 21.06 11.81 -14.44
N GLN B 146 20.59 13.01 -14.19
CA GLN B 146 19.33 13.51 -14.83
C GLN B 146 19.59 14.72 -15.73
N HIS B 147 18.83 14.80 -16.81
CA HIS B 147 18.74 15.97 -17.73
C HIS B 147 17.35 16.61 -17.60
N LEU B 148 17.37 17.90 -17.28
CA LEU B 148 16.18 18.75 -17.13
C LEU B 148 16.21 19.82 -18.24
N ALA B 149 15.39 19.72 -19.27
CA ALA B 149 15.32 20.72 -20.36
C ALA B 149 14.37 21.87 -19.98
N LEU B 150 14.84 23.12 -20.08
CA LEU B 150 14.07 24.36 -19.82
C LEU B 150 13.60 24.96 -21.15
N ASP B 151 12.54 25.79 -21.11
CA ASP B 151 11.81 26.30 -22.30
C ASP B 151 12.57 27.48 -22.88
N ASN B 152 13.60 27.98 -22.19
CA ASN B 152 14.53 29.02 -22.69
C ASN B 152 15.67 28.37 -23.47
N GLY B 153 15.60 27.08 -23.81
CA GLY B 153 16.60 26.40 -24.65
C GLY B 153 17.76 25.77 -23.87
N ARG B 154 18.03 26.19 -22.64
CA ARG B 154 19.07 25.55 -21.79
C ARG B 154 18.60 24.17 -21.29
N THR B 155 19.54 23.21 -21.22
CA THR B 155 19.38 21.87 -20.58
C THR B 155 20.39 21.71 -19.46
N LEU B 156 19.91 21.61 -18.22
CA LEU B 156 20.74 21.30 -17.03
C LEU B 156 21.03 19.79 -17.03
N THR B 157 22.31 19.41 -17.11
CA THR B 157 22.76 18.00 -17.16
C THR B 157 23.58 17.69 -15.90
N GLY B 158 23.89 16.42 -15.73
CA GLY B 158 24.60 15.86 -14.56
C GLY B 158 23.92 16.10 -13.23
N LEU B 159 22.59 16.06 -13.19
CA LEU B 159 21.85 16.37 -11.94
C LEU B 159 21.85 15.08 -11.08
N SER B 160 22.13 15.22 -9.80
CA SER B 160 22.16 14.06 -8.85
C SER B 160 20.76 13.77 -8.32
N ALA B 161 19.88 14.79 -8.36
CA ALA B 161 18.48 14.68 -7.87
C ALA B 161 17.64 15.83 -8.45
N VAL B 162 16.35 15.57 -8.58
CA VAL B 162 15.32 16.56 -8.97
C VAL B 162 14.13 16.45 -7.99
N VAL B 163 13.75 17.56 -7.39
CA VAL B 163 12.49 17.77 -6.62
C VAL B 163 11.45 18.51 -7.50
N LEU B 164 10.27 17.91 -7.68
CA LEU B 164 9.12 18.58 -8.30
C LEU B 164 8.23 19.20 -7.20
N ALA B 165 8.19 20.52 -7.09
CA ALA B 165 7.28 21.26 -6.15
C ALA B 165 6.39 22.22 -6.99
N GLN B 166 5.55 21.68 -7.86
CA GLN B 166 4.97 22.42 -9.00
C GLN B 166 3.59 23.04 -8.65
N GLY B 167 3.03 22.77 -7.48
CA GLY B 167 1.78 23.39 -7.03
C GLY B 167 0.65 23.34 -8.06
N HIS B 168 -0.07 24.46 -8.14
CA HIS B 168 -1.37 24.62 -8.84
C HIS B 168 -1.09 24.69 -10.32
N LEU B 169 -1.42 23.66 -11.07
CA LEU B 169 -0.99 23.55 -12.48
C LEU B 169 -2.24 23.74 -13.35
N PRO B 170 -2.06 24.20 -14.61
CA PRO B 170 -3.16 24.27 -15.57
C PRO B 170 -3.59 22.88 -16.07
N VAL B 171 -4.86 22.81 -16.48
CA VAL B 171 -5.52 21.63 -17.06
C VAL B 171 -5.91 21.97 -18.50
N ARG B 172 -6.01 20.97 -19.36
CA ARG B 172 -6.52 21.12 -20.74
C ARG B 172 -8.02 21.35 -20.64
N PRO B 173 -8.60 22.23 -21.48
CA PRO B 173 -10.05 22.47 -21.41
C PRO B 173 -10.80 21.15 -21.62
N SER B 174 -11.71 20.79 -20.73
CA SER B 174 -12.71 19.70 -20.92
C SER B 174 -13.63 19.95 -22.13
N ALA B 175 -14.46 18.96 -22.45
CA ALA B 175 -15.50 19.05 -23.50
C ALA B 175 -16.45 20.23 -23.16
N ALA B 176 -16.94 20.28 -21.92
CA ALA B 176 -17.85 21.35 -21.40
C ALA B 176 -17.19 22.72 -21.61
N VAL B 177 -15.94 22.92 -21.21
CA VAL B 177 -15.26 24.24 -21.33
C VAL B 177 -15.01 24.60 -22.80
N LEU B 178 -14.79 23.61 -23.66
CA LEU B 178 -14.59 23.89 -25.11
C LEU B 178 -15.94 24.34 -25.69
N ARG B 179 -17.03 23.64 -25.38
CA ARG B 179 -18.40 24.04 -25.82
C ARG B 179 -18.69 25.49 -25.40
N ASP B 180 -18.43 25.84 -24.13
CA ASP B 180 -18.70 27.20 -23.62
C ASP B 180 -17.79 28.20 -24.33
N THR B 181 -16.59 27.80 -24.75
CA THR B 181 -15.61 28.67 -25.44
C THR B 181 -16.06 28.89 -26.90
N GLU B 182 -16.54 27.85 -27.58
CA GLU B 182 -17.11 27.93 -28.96
C GLU B 182 -18.32 28.89 -28.90
N HIS B 183 -19.19 28.70 -27.91
CA HIS B 183 -20.41 29.52 -27.68
C HIS B 183 -20.01 31.00 -27.54
N ALA B 184 -18.99 31.29 -26.75
CA ALA B 184 -18.59 32.70 -26.48
C ALA B 184 -18.10 33.34 -27.78
N ASP B 185 -17.50 32.55 -28.66
CA ASP B 185 -16.90 33.02 -29.94
C ASP B 185 -18.02 33.19 -30.98
N ARG B 186 -18.96 32.25 -31.10
CA ARG B 186 -20.11 32.36 -32.03
C ARG B 186 -20.98 33.58 -31.70
N HIS B 187 -21.07 34.05 -30.45
CA HIS B 187 -22.07 35.06 -30.06
C HIS B 187 -21.42 36.29 -29.46
N ALA B 188 -20.10 36.45 -29.58
CA ALA B 188 -19.29 37.50 -28.90
C ALA B 188 -19.70 37.66 -27.42
N LEU B 189 -19.72 36.55 -26.69
CA LEU B 189 -19.83 36.51 -25.21
C LEU B 189 -18.43 36.39 -24.60
N ARG B 190 -18.36 36.41 -23.27
CA ARG B 190 -17.12 36.30 -22.45
C ARG B 190 -17.24 35.01 -21.63
N HIS B 191 -16.33 34.04 -21.86
CA HIS B 191 -16.20 32.81 -21.05
C HIS B 191 -14.85 32.83 -20.37
N ILE B 192 -14.85 32.73 -19.04
CA ILE B 192 -13.63 32.66 -18.19
C ILE B 192 -13.55 31.29 -17.53
N PRO B 193 -12.69 30.38 -18.07
CA PRO B 193 -12.51 29.05 -17.49
C PRO B 193 -11.82 29.07 -16.11
N PRO B 194 -11.82 27.92 -15.37
CA PRO B 194 -11.22 27.88 -14.04
C PRO B 194 -9.78 28.42 -14.02
N ALA B 195 -9.47 29.21 -13.01
CA ALA B 195 -8.22 29.99 -12.91
C ALA B 195 -8.11 30.63 -11.53
N ASN B 196 -6.90 31.06 -11.17
CA ASN B 196 -6.67 31.98 -10.02
C ASN B 196 -7.33 33.32 -10.40
N PRO B 197 -8.25 33.85 -9.58
CA PRO B 197 -8.94 35.10 -9.90
C PRO B 197 -7.94 36.23 -10.17
N ALA B 198 -6.76 36.16 -9.57
CA ALA B 198 -5.74 37.22 -9.77
C ALA B 198 -5.12 37.13 -11.17
N ASP B 199 -5.39 36.09 -11.92
CA ASP B 199 -4.74 35.91 -13.26
C ASP B 199 -5.72 36.30 -14.38
N VAL B 200 -7.01 36.51 -14.13
CA VAL B 200 -7.98 36.74 -15.24
C VAL B 200 -8.16 38.24 -15.49
N ASP B 201 -8.68 38.56 -16.67
CA ASP B 201 -8.88 39.97 -17.09
C ASP B 201 -10.40 40.27 -17.05
N LEU B 202 -10.86 40.93 -15.99
CA LEU B 202 -12.29 41.26 -15.78
C LEU B 202 -12.62 42.63 -16.38
N THR B 203 -11.65 43.38 -16.89
CA THR B 203 -11.89 44.73 -17.50
C THR B 203 -12.70 44.59 -18.81
N VAL B 204 -12.79 43.44 -19.45
CA VAL B 204 -13.70 43.24 -20.60
C VAL B 204 -15.19 43.34 -20.18
N ILE B 205 -15.53 43.26 -18.90
CA ILE B 205 -16.94 43.22 -18.40
C ILE B 205 -17.47 44.67 -18.30
N SER B 206 -18.64 44.98 -18.86
CA SER B 206 -19.19 46.37 -18.86
C SER B 206 -20.07 46.64 -17.65
N PRO B 207 -20.17 47.94 -17.25
CA PRO B 207 -21.19 48.41 -16.30
C PRO B 207 -22.61 47.97 -16.68
N GLY B 208 -23.30 47.36 -15.72
CA GLY B 208 -24.66 46.80 -15.86
C GLY B 208 -24.74 45.49 -16.61
N GLU B 209 -23.62 44.92 -17.04
CA GLU B 209 -23.62 43.61 -17.78
C GLU B 209 -24.05 42.51 -16.83
N PRO B 210 -25.01 41.64 -17.21
CA PRO B 210 -25.34 40.45 -16.41
C PRO B 210 -24.27 39.35 -16.56
N VAL B 211 -23.67 39.00 -15.42
CA VAL B 211 -22.50 38.07 -15.27
C VAL B 211 -22.92 36.92 -14.37
N LEU B 212 -22.74 35.65 -14.76
CA LEU B 212 -22.87 34.48 -13.83
C LEU B 212 -21.50 34.07 -13.27
N LEU B 213 -21.35 34.13 -11.95
CA LEU B 213 -20.25 33.48 -11.19
C LEU B 213 -20.74 32.07 -10.84
N ARG B 214 -20.27 31.06 -11.56
CA ARG B 214 -20.62 29.66 -11.28
C ARG B 214 -19.60 29.20 -10.24
N GLY B 215 -20.02 29.15 -8.98
CA GLY B 215 -19.14 28.96 -7.81
C GLY B 215 -19.47 29.95 -6.69
N LEU B 216 -19.51 29.47 -5.43
CA LEU B 216 -19.81 30.27 -4.22
C LEU B 216 -18.81 30.04 -3.08
N GLY B 217 -17.60 29.54 -3.41
CA GLY B 217 -16.48 29.43 -2.46
C GLY B 217 -15.50 30.58 -2.59
N LEU B 218 -14.22 30.31 -2.35
CA LEU B 218 -13.24 31.40 -2.13
C LEU B 218 -12.95 32.13 -3.45
N ASN B 219 -12.96 31.45 -4.59
CA ASN B 219 -12.78 32.13 -5.90
C ASN B 219 -13.91 33.14 -6.07
N PHE B 220 -15.14 32.75 -5.77
CA PHE B 220 -16.35 33.62 -5.76
C PHE B 220 -16.06 34.92 -5.00
N PHE B 221 -15.51 34.85 -3.79
CA PHE B 221 -15.30 36.07 -2.97
C PHE B 221 -14.22 36.94 -3.57
N ASP B 222 -13.23 36.40 -4.29
CA ASP B 222 -12.29 37.31 -5.01
C ASP B 222 -13.04 38.07 -6.13
N HIS B 223 -13.85 37.39 -6.92
CA HIS B 223 -14.53 37.98 -8.11
C HIS B 223 -15.52 39.07 -7.64
N MET B 224 -16.27 38.73 -6.61
CA MET B 224 -17.19 39.66 -5.91
C MET B 224 -16.41 40.92 -5.57
N ALA B 225 -15.20 40.80 -5.01
CA ALA B 225 -14.36 41.95 -4.63
C ALA B 225 -13.88 42.71 -5.87
N LEU B 226 -13.41 42.01 -6.90
CA LEU B 226 -12.82 42.65 -8.10
C LEU B 226 -13.89 43.44 -8.88
N LEU B 227 -15.14 42.95 -8.96
CA LEU B 227 -16.25 43.55 -9.72
C LEU B 227 -16.96 44.66 -8.91
N THR B 228 -16.57 44.91 -7.66
CA THR B 228 -17.19 45.90 -6.73
C THR B 228 -16.17 46.93 -6.25
N THR B 229 -15.48 46.70 -5.12
CA THR B 229 -14.42 47.63 -4.60
C THR B 229 -13.31 47.76 -5.62
N GLY B 230 -13.08 46.72 -6.42
CA GLY B 230 -12.09 46.75 -7.49
C GLY B 230 -12.45 47.73 -8.59
N ARG B 231 -13.74 48.12 -8.69
CA ARG B 231 -14.26 49.07 -9.70
C ARG B 231 -14.79 50.37 -9.03
N GLY B 232 -14.25 50.73 -7.88
CA GLY B 232 -14.51 52.02 -7.23
C GLY B 232 -15.61 51.99 -6.19
N GLY B 233 -16.32 50.86 -6.00
CA GLY B 233 -17.27 50.71 -4.88
C GLY B 233 -16.60 50.89 -3.54
N THR B 234 -17.38 51.24 -2.49
CA THR B 234 -16.88 51.39 -1.10
C THR B 234 -17.97 50.93 -0.13
N TYR B 235 -17.58 50.63 1.10
CA TYR B 235 -18.49 50.25 2.21
C TYR B 235 -18.47 51.39 3.24
N VAL B 236 -19.59 51.64 3.89
CA VAL B 236 -19.65 52.53 5.09
C VAL B 236 -20.44 51.76 6.15
N ARG B 237 -20.18 52.06 7.42
CA ARG B 237 -20.85 51.42 8.59
C ARG B 237 -21.61 52.55 9.27
N GLU B 238 -22.94 52.47 9.32
CA GLU B 238 -23.81 53.34 10.14
C GLU B 238 -24.52 52.45 11.16
N ASP B 239 -24.41 52.80 12.45
CA ASP B 239 -25.07 52.09 13.58
C ASP B 239 -24.54 50.67 13.66
N GLY B 240 -23.29 50.46 13.27
CA GLY B 240 -22.69 49.12 13.14
C GLY B 240 -23.11 48.37 11.89
N VAL B 241 -24.20 48.78 11.19
CA VAL B 241 -24.65 48.01 9.98
C VAL B 241 -24.10 48.66 8.71
N LEU B 242 -23.49 47.78 7.92
CA LEU B 242 -22.68 48.03 6.70
C LEU B 242 -23.58 48.35 5.48
N ARG B 243 -23.15 49.25 4.59
CA ARG B 243 -23.90 49.62 3.37
C ARG B 243 -22.87 49.74 2.24
N TYR B 244 -23.19 49.15 1.08
CA TYR B 244 -22.40 49.36 -0.15
C TYR B 244 -22.79 50.68 -0.83
N VAL B 245 -21.79 51.43 -1.29
CA VAL B 245 -21.87 52.71 -2.02
C VAL B 245 -21.39 52.47 -3.44
N PRO B 246 -22.31 52.25 -4.39
CA PRO B 246 -21.95 51.98 -5.76
C PRO B 246 -21.26 53.14 -6.45
N SER B 247 -20.42 52.77 -7.40
CA SER B 247 -19.60 53.66 -8.23
C SER B 247 -20.33 53.87 -9.56
N GLY B 248 -21.22 52.97 -9.96
CA GLY B 248 -21.89 53.01 -11.27
C GLY B 248 -21.15 52.19 -12.34
N ARG B 249 -19.96 51.63 -12.02
CA ARG B 249 -19.18 50.76 -12.95
C ARG B 249 -19.46 49.27 -12.70
N GLU B 250 -20.28 48.91 -11.72
CA GLU B 250 -20.51 47.49 -11.35
C GLU B 250 -21.33 46.80 -12.43
N PRO B 251 -21.09 45.50 -12.71
CA PRO B 251 -22.01 44.69 -13.48
C PRO B 251 -23.22 44.31 -12.62
N ARG B 252 -24.20 43.66 -13.25
CA ARG B 252 -25.26 42.94 -12.52
C ARG B 252 -24.72 41.53 -12.26
N VAL B 253 -24.37 41.23 -11.02
CA VAL B 253 -23.67 39.97 -10.64
C VAL B 253 -24.72 38.96 -10.20
N TYR B 254 -24.78 37.84 -10.93
CA TYR B 254 -25.54 36.62 -10.54
C TYR B 254 -24.51 35.58 -10.10
N ALA B 255 -24.84 34.76 -9.13
CA ALA B 255 -23.94 33.69 -8.64
C ALA B 255 -24.75 32.49 -8.23
N GLY B 256 -24.19 31.30 -8.38
CA GLY B 256 -24.82 30.07 -7.93
C GLY B 256 -23.84 28.89 -7.89
N SER B 257 -24.30 27.80 -7.30
CA SER B 257 -23.57 26.53 -7.24
C SER B 257 -24.58 25.43 -6.99
N ARG B 258 -24.10 24.19 -6.89
CA ARG B 258 -24.97 23.01 -6.69
C ARG B 258 -25.58 23.07 -5.28
N ARG B 259 -24.77 23.29 -4.25
CA ARG B 259 -25.30 23.42 -2.86
C ARG B 259 -26.11 24.73 -2.78
N GLY B 260 -25.62 25.79 -3.44
CA GLY B 260 -26.32 27.05 -3.71
C GLY B 260 -26.08 28.06 -2.61
N LEU B 261 -25.03 27.87 -1.80
CA LEU B 261 -24.80 28.74 -0.62
C LEU B 261 -23.39 29.27 -0.60
N PRO B 262 -23.22 30.57 -0.30
CA PRO B 262 -21.91 31.10 0.01
C PRO B 262 -21.28 30.22 1.11
N TYR B 263 -19.97 30.02 1.07
CA TYR B 263 -19.19 29.26 2.09
C TYR B 263 -19.33 29.99 3.44
N GLN B 264 -19.33 29.20 4.51
CA GLN B 264 -19.54 29.63 5.92
C GLN B 264 -18.37 30.50 6.37
N ALA B 265 -18.69 31.63 7.00
CA ALA B 265 -17.72 32.56 7.62
C ALA B 265 -16.85 31.81 8.63
N ARG B 266 -15.55 32.10 8.65
CA ARG B 266 -14.64 31.53 9.66
C ARG B 266 -14.93 32.29 10.95
N GLY B 267 -15.16 31.59 12.06
CA GLY B 267 -15.16 32.24 13.38
C GLY B 267 -13.99 33.18 13.55
N ASP B 268 -14.20 34.35 14.14
CA ASP B 268 -13.11 35.27 14.56
C ASP B 268 -12.15 34.45 15.46
N ASN B 269 -10.85 34.63 15.26
CA ASN B 269 -9.82 33.76 15.87
C ASN B 269 -9.62 34.20 17.32
N ALA B 270 -9.93 33.35 18.30
CA ALA B 270 -9.55 33.56 19.72
C ALA B 270 -8.61 32.44 20.17
N LYS B 271 -7.82 31.82 19.28
CA LYS B 271 -6.99 30.65 19.66
C LYS B 271 -5.55 31.08 19.71
N GLY B 272 -5.30 32.35 19.40
CA GLY B 272 -3.94 32.88 19.28
C GLY B 272 -3.21 32.20 18.13
N PRO B 273 -1.86 32.34 18.04
CA PRO B 273 -1.13 31.86 16.88
C PRO B 273 -1.01 30.32 16.77
N TYR B 274 -1.20 29.59 17.87
CA TYR B 274 -0.78 28.17 18.02
C TYR B 274 -1.96 27.31 18.47
N GLY B 275 -3.05 27.88 18.98
CA GLY B 275 -4.14 27.07 19.57
C GLY B 275 -4.70 26.09 18.56
N ARG B 276 -5.11 24.91 18.99
CA ARG B 276 -5.45 23.77 18.10
C ARG B 276 -6.18 22.76 18.96
N HIS B 277 -7.40 22.38 18.57
CA HIS B 277 -8.19 21.36 19.30
C HIS B 277 -7.34 20.10 19.51
N LEU B 278 -7.48 19.50 20.69
CA LEU B 278 -6.79 18.26 21.13
C LEU B 278 -7.72 17.10 20.88
N PRO B 279 -7.41 16.20 19.92
CA PRO B 279 -8.35 15.15 19.54
C PRO B 279 -8.61 14.24 20.75
N GLU B 280 -9.86 13.81 20.98
CA GLU B 280 -10.24 12.94 22.11
C GLU B 280 -10.83 11.64 21.58
N VAL B 281 -11.27 11.62 20.33
CA VAL B 281 -11.90 10.44 19.70
C VAL B 281 -10.97 9.91 18.59
N LEU B 282 -10.59 10.74 17.62
CA LEU B 282 -9.63 10.38 16.54
C LEU B 282 -8.21 10.48 17.12
N THR B 283 -7.85 9.52 18.00
CA THR B 283 -6.59 9.50 18.77
C THR B 283 -5.51 8.76 17.99
N PRO B 284 -4.21 8.88 18.38
CA PRO B 284 -3.14 8.14 17.71
C PRO B 284 -3.38 6.62 17.62
N GLU B 285 -3.98 6.01 18.65
CA GLU B 285 -4.28 4.56 18.69
C GLU B 285 -5.41 4.25 17.71
N ALA B 286 -6.43 5.08 17.63
CA ALA B 286 -7.52 4.82 16.64
C ALA B 286 -6.98 4.94 15.18
N VAL B 287 -6.11 5.91 14.95
CA VAL B 287 -5.50 6.20 13.61
C VAL B 287 -4.59 5.03 13.19
N SER B 288 -3.71 4.53 14.08
CA SER B 288 -2.83 3.35 13.86
C SER B 288 -3.64 2.13 13.51
N ALA B 289 -4.72 1.92 14.23
CA ALA B 289 -5.56 0.71 14.01
C ALA B 289 -6.20 0.78 12.61
N PHE B 290 -6.58 1.96 12.15
CA PHE B 290 -7.13 2.06 10.78
C PHE B 290 -6.02 1.75 9.78
N ARG B 291 -4.81 2.29 9.97
CA ARG B 291 -3.66 2.11 9.04
C ARG B 291 -3.30 0.63 8.89
N LYS B 292 -3.28 -0.13 9.99
CA LYS B 292 -3.08 -1.62 9.96
C LYS B 292 -4.19 -2.29 9.14
N ARG B 293 -5.44 -1.96 9.42
CA ARG B 293 -6.54 -2.53 8.61
C ARG B 293 -6.37 -2.17 7.11
N ALA B 294 -6.06 -0.93 6.75
CA ALA B 294 -5.92 -0.56 5.31
C ALA B 294 -4.77 -1.37 4.66
N ASP B 295 -3.71 -1.68 5.41
CA ASP B 295 -2.52 -2.40 4.89
C ASP B 295 -2.82 -3.90 4.73
N SER B 296 -3.79 -4.41 5.49
CA SER B 296 -3.95 -5.87 5.76
C SER B 296 -5.21 -6.39 5.10
N GLY B 297 -5.86 -5.61 4.24
CA GLY B 297 -7.01 -6.11 3.46
C GLY B 297 -8.37 -5.81 4.10
N GLU B 298 -8.45 -4.94 5.10
CA GLU B 298 -9.78 -4.60 5.69
C GLU B 298 -9.89 -3.08 5.74
N ALA B 299 -9.70 -2.39 4.60
CA ALA B 299 -9.56 -0.90 4.63
C ALA B 299 -10.89 -0.31 5.12
N PRO B 300 -10.84 0.68 6.03
CA PRO B 300 -12.05 1.34 6.52
C PRO B 300 -12.94 1.95 5.44
N ASP B 301 -14.25 1.90 5.72
CA ASP B 301 -15.30 2.65 5.00
C ASP B 301 -15.41 3.99 5.70
N PHE B 302 -15.19 5.09 4.99
CA PHE B 302 -15.18 6.45 5.62
C PHE B 302 -16.52 6.74 6.34
N LEU B 303 -17.63 6.41 5.68
CA LEU B 303 -18.97 6.80 6.17
C LEU B 303 -19.26 6.02 7.45
N ARG B 304 -18.98 4.71 7.44
CA ARG B 304 -19.33 3.80 8.55
C ARG B 304 -18.29 3.87 9.67
N ASP B 305 -17.01 4.14 9.41
CA ASP B 305 -15.96 3.88 10.44
C ASP B 305 -15.28 5.15 10.88
N ILE B 306 -15.09 6.12 9.98
CA ILE B 306 -14.30 7.35 10.32
C ILE B 306 -15.25 8.52 10.64
N TRP B 307 -16.32 8.72 9.86
CA TRP B 307 -17.27 9.84 10.11
C TRP B 307 -17.79 9.88 11.57
N PRO B 308 -18.24 8.75 12.17
CA PRO B 308 -18.70 8.76 13.57
C PRO B 308 -17.70 9.35 14.53
N LEU B 309 -16.39 9.15 14.30
CA LEU B 309 -15.36 9.75 15.17
C LEU B 309 -15.26 11.26 14.90
N VAL B 310 -15.32 11.71 13.64
CA VAL B 310 -15.22 13.17 13.34
C VAL B 310 -16.47 13.87 13.95
N ALA B 311 -17.63 13.32 13.74
CA ALA B 311 -18.92 13.88 14.22
C ALA B 311 -18.85 14.02 15.74
N LYS B 312 -18.42 12.95 16.41
CA LYS B 312 -18.28 12.95 17.90
C LYS B 312 -17.34 14.07 18.30
N GLU B 313 -16.22 14.27 17.61
CA GLU B 313 -15.27 15.34 18.01
C GLU B 313 -15.93 16.70 17.90
N VAL B 314 -16.68 16.94 16.82
CA VAL B 314 -17.28 18.28 16.48
C VAL B 314 -18.44 18.56 17.46
N GLU B 315 -19.36 17.59 17.60
CA GLU B 315 -20.56 17.66 18.48
C GLU B 315 -20.11 17.83 19.93
N THR B 316 -19.00 17.22 20.33
CA THR B 316 -18.50 17.37 21.72
C THR B 316 -18.09 18.83 21.91
N VAL B 317 -17.35 19.43 20.98
CA VAL B 317 -16.85 20.82 21.20
C VAL B 317 -18.08 21.74 21.22
N TYR B 318 -19.13 21.43 20.46
CA TYR B 318 -20.33 22.28 20.36
C TYR B 318 -20.99 22.31 21.75
N TYR B 319 -21.38 21.13 22.23
CA TYR B 319 -22.10 20.93 23.51
C TYR B 319 -21.24 21.41 24.69
N THR B 320 -19.93 21.23 24.64
CA THR B 320 -19.03 21.72 25.70
C THR B 320 -19.16 23.24 25.83
N ALA B 321 -19.09 24.00 24.73
CA ALA B 321 -19.09 25.49 24.73
C ALA B 321 -20.50 26.05 25.04
N LEU B 322 -21.54 25.24 24.83
CA LEU B 322 -22.98 25.55 25.01
C LEU B 322 -23.45 25.29 26.45
N VAL B 323 -22.81 24.36 27.17
CA VAL B 323 -23.16 23.93 28.55
C VAL B 323 -22.25 24.64 29.56
N ARG B 324 -20.96 24.84 29.23
CA ARG B 324 -19.89 25.46 30.05
C ARG B 324 -19.84 24.88 31.48
N HIS B 325 -19.97 23.56 31.65
CA HIS B 325 -19.95 22.86 32.97
C HIS B 325 -18.83 21.82 32.96
N PRO B 326 -17.87 21.86 33.93
CA PRO B 326 -16.64 21.07 33.83
C PRO B 326 -16.77 19.54 33.87
N ASP B 327 -17.92 18.98 34.29
CA ASP B 327 -18.22 17.51 34.37
C ASP B 327 -18.93 17.04 33.10
N PHE B 328 -19.12 17.92 32.12
CA PHE B 328 -19.91 17.60 30.91
C PHE B 328 -19.05 16.77 29.94
N ALA B 329 -17.89 17.32 29.56
CA ALA B 329 -17.02 16.79 28.47
C ALA B 329 -16.63 15.35 28.82
N PRO B 330 -15.94 15.08 29.97
CA PRO B 330 -15.51 13.72 30.32
C PRO B 330 -16.66 12.69 30.28
N ARG B 331 -17.80 13.04 30.87
CA ARG B 331 -19.02 12.19 30.80
C ARG B 331 -19.49 12.01 29.34
N TYR B 332 -19.48 13.04 28.48
CA TYR B 332 -20.04 12.94 27.09
C TYR B 332 -19.10 12.08 26.23
N LEU B 333 -17.79 12.32 26.37
CA LEU B 333 -16.71 11.60 25.64
C LEU B 333 -16.71 10.09 25.94
N SER B 334 -17.28 9.62 27.04
CA SER B 334 -17.26 8.18 27.39
C SER B 334 -18.39 7.44 26.66
N LEU B 335 -19.32 8.14 26.01
CA LEU B 335 -20.48 7.47 25.35
C LEU B 335 -20.09 7.24 23.88
N PRO B 336 -20.49 6.10 23.27
CA PRO B 336 -20.35 5.91 21.82
C PRO B 336 -21.25 6.89 21.05
N TYR B 337 -20.93 7.14 19.78
CA TYR B 337 -21.67 8.08 18.92
C TYR B 337 -23.04 7.49 18.55
N GLY B 338 -24.12 8.20 18.88
CA GLY B 338 -25.52 7.81 18.61
C GLY B 338 -26.07 6.83 19.63
N ASP B 339 -25.44 6.75 20.80
CA ASP B 339 -25.92 6.01 21.99
C ASP B 339 -27.13 6.74 22.58
N PRO B 340 -28.26 6.06 22.89
CA PRO B 340 -29.41 6.75 23.51
C PRO B 340 -29.05 7.60 24.74
N GLN B 341 -27.94 7.30 25.43
CA GLN B 341 -27.50 8.04 26.65
C GLN B 341 -26.85 9.38 26.30
N GLU B 342 -26.59 9.64 25.02
CA GLU B 342 -26.15 10.98 24.57
C GLU B 342 -27.29 11.97 24.86
N ALA B 343 -28.51 11.68 24.38
CA ALA B 343 -29.75 12.49 24.53
C ALA B 343 -30.07 12.73 26.01
N GLU B 344 -30.10 11.65 26.80
CA GLU B 344 -30.31 11.64 28.27
C GLU B 344 -29.32 12.56 28.99
N LEU B 345 -28.03 12.47 28.70
CA LEU B 345 -27.00 13.28 29.42
C LEU B 345 -27.16 14.75 29.05
N LEU B 346 -27.66 15.03 27.84
CA LEU B 346 -27.81 16.42 27.34
C LEU B 346 -29.01 17.06 28.04
N ALA B 347 -30.15 16.35 28.09
CA ALA B 347 -31.31 16.67 28.96
C ALA B 347 -30.81 17.00 30.39
N GLU B 348 -30.14 16.05 31.05
CA GLU B 348 -29.63 16.16 32.45
C GLU B 348 -28.73 17.39 32.63
N PHE B 349 -28.33 18.08 31.56
CA PHE B 349 -27.52 19.34 31.68
C PHE B 349 -28.26 20.53 31.05
N GLY B 350 -29.57 20.39 30.79
CA GLY B 350 -30.45 21.51 30.39
C GLY B 350 -30.16 22.01 29.00
N VAL B 351 -30.05 21.07 28.06
CA VAL B 351 -29.91 21.35 26.61
C VAL B 351 -31.19 20.80 26.00
N ASP B 352 -32.12 21.68 25.68
CA ASP B 352 -33.42 21.31 25.03
C ASP B 352 -33.12 20.49 23.78
N ALA B 353 -34.03 19.58 23.40
CA ALA B 353 -34.03 18.85 22.10
C ALA B 353 -34.12 19.88 20.95
N ASP B 354 -34.43 21.15 21.26
CA ASP B 354 -34.53 22.26 20.30
C ASP B 354 -33.13 22.79 19.98
N ALA B 355 -32.10 22.52 20.80
CA ALA B 355 -30.71 23.01 20.60
C ALA B 355 -29.74 21.87 20.19
N ARG B 356 -30.27 20.71 19.78
CA ARG B 356 -29.50 19.51 19.38
C ARG B 356 -28.88 19.74 18.00
N TRP B 357 -27.65 19.26 17.80
CA TRP B 357 -26.89 19.38 16.52
C TRP B 357 -27.63 18.61 15.42
N ASP B 358 -27.70 19.20 14.23
CA ASP B 358 -28.36 18.52 13.09
C ASP B 358 -27.44 18.72 11.88
N TRP B 359 -26.83 17.60 11.41
CA TRP B 359 -25.90 17.60 10.26
C TRP B 359 -26.66 17.92 8.95
N GLU B 360 -27.92 17.49 8.79
CA GLU B 360 -28.80 17.75 7.61
C GLU B 360 -29.04 19.25 7.47
N ARG B 361 -29.36 19.92 8.57
CA ARG B 361 -29.56 21.37 8.61
C ARG B 361 -28.23 22.05 8.30
N VAL B 362 -27.12 21.66 8.92
CA VAL B 362 -25.87 22.46 8.79
C VAL B 362 -25.38 22.40 7.33
N SER B 363 -25.66 21.32 6.61
CA SER B 363 -25.11 21.13 5.26
C SER B 363 -26.09 21.71 4.22
N ARG B 364 -27.41 21.63 4.45
CA ARG B 364 -28.44 22.25 3.57
C ARG B 364 -29.52 22.93 4.42
N PRO B 365 -29.18 24.10 4.99
CA PRO B 365 -30.06 24.78 5.93
C PRO B 365 -31.37 25.28 5.30
N TYR B 366 -31.52 25.18 3.97
CA TYR B 366 -32.74 25.55 3.20
C TYR B 366 -33.62 24.32 2.96
N ALA B 367 -33.12 23.09 3.16
CA ALA B 367 -33.76 21.87 2.58
C ALA B 367 -35.08 21.56 3.29
N GLN B 368 -35.33 22.16 4.45
CA GLN B 368 -36.58 21.96 5.21
C GLN B 368 -37.72 22.79 4.59
N ARG B 369 -37.45 23.85 3.82
CA ARG B 369 -38.57 24.68 3.31
C ARG B 369 -38.62 24.65 1.79
N GLU B 370 -39.68 25.22 1.20
CA GLU B 370 -39.80 25.45 -0.26
C GLU B 370 -39.82 26.94 -0.49
N PHE B 371 -39.65 27.34 -1.74
CA PHE B 371 -39.55 28.77 -2.11
C PHE B 371 -40.50 29.01 -3.27
N ALA B 372 -41.46 29.92 -3.09
CA ALA B 372 -42.53 30.17 -4.08
C ALA B 372 -41.98 31.04 -5.26
N HIS B 373 -40.94 31.86 -5.02
CA HIS B 373 -40.28 32.72 -6.02
C HIS B 373 -38.96 33.26 -5.48
N ARG B 374 -38.21 33.97 -6.31
CA ARG B 374 -36.89 34.54 -5.96
C ARG B 374 -36.95 35.40 -4.71
N GLY B 375 -38.07 36.08 -4.49
CA GLY B 375 -38.20 37.02 -3.35
C GLY B 375 -38.17 36.30 -2.02
N GLU B 376 -38.82 35.14 -1.92
CA GLU B 376 -38.78 34.27 -0.71
C GLU B 376 -37.35 33.75 -0.50
N TRP B 377 -36.66 33.36 -1.58
CA TRP B 377 -35.26 32.90 -1.52
C TRP B 377 -34.37 34.05 -1.00
N ARG B 378 -34.45 35.27 -1.54
CA ARG B 378 -33.54 36.39 -1.18
C ARG B 378 -33.71 36.68 0.31
N GLN B 379 -34.94 36.60 0.74
CA GLN B 379 -35.36 36.93 2.12
C GLN B 379 -34.76 35.92 3.13
N TRP B 380 -34.97 34.64 2.86
CA TRP B 380 -34.40 33.50 3.63
C TRP B 380 -32.86 33.62 3.69
N LEU B 381 -32.23 33.91 2.57
CA LEU B 381 -30.75 33.95 2.46
C LEU B 381 -30.22 35.13 3.23
N LEU B 382 -30.89 36.30 3.21
CA LEU B 382 -30.41 37.45 4.04
C LEU B 382 -30.44 37.07 5.53
N GLY B 383 -31.55 36.48 5.99
CA GLY B 383 -31.66 35.96 7.37
C GLY B 383 -30.50 35.00 7.66
N TYR B 384 -30.20 34.08 6.74
CA TYR B 384 -29.17 33.02 6.94
C TYR B 384 -27.77 33.67 7.02
N LEU B 385 -27.43 34.60 6.13
CA LEU B 385 -26.10 35.23 6.16
C LEU B 385 -25.99 36.09 7.39
N ARG B 386 -27.06 36.71 7.84
CA ARG B 386 -26.98 37.59 9.04
C ARG B 386 -26.66 36.74 10.27
N ALA B 387 -27.31 35.59 10.42
CA ALA B 387 -27.08 34.63 11.53
C ALA B 387 -25.65 34.06 11.46
N ASP B 388 -25.15 33.80 10.25
CA ASP B 388 -23.81 33.21 10.03
C ASP B 388 -22.74 34.21 10.51
N ALA B 389 -22.88 35.48 10.15
CA ALA B 389 -21.93 36.53 10.58
C ALA B 389 -21.97 36.73 12.09
N ALA B 390 -23.17 36.72 12.67
CA ALA B 390 -23.41 36.83 14.12
C ALA B 390 -22.66 35.69 14.86
N GLU B 391 -22.78 34.45 14.38
CA GLU B 391 -22.04 33.29 14.94
C GLU B 391 -20.52 33.51 14.79
N ALA B 392 -20.03 33.99 13.64
CA ALA B 392 -18.60 34.21 13.43
C ALA B 392 -18.05 35.25 14.44
N LEU B 393 -18.85 36.26 14.76
CA LEU B 393 -18.48 37.34 15.72
C LEU B 393 -18.19 36.77 17.12
N ARG B 394 -18.93 35.77 17.54
CA ARG B 394 -18.69 35.13 18.86
C ARG B 394 -17.29 34.52 18.89
N GLY B 395 -16.75 34.10 17.73
CA GLY B 395 -15.38 33.59 17.60
C GLY B 395 -15.30 32.09 17.74
N ASN B 396 -14.10 31.53 17.51
CA ASN B 396 -13.82 30.08 17.36
C ASN B 396 -13.46 29.43 18.70
N VAL B 397 -13.61 30.15 19.81
CA VAL B 397 -13.48 29.53 21.17
C VAL B 397 -14.80 29.55 21.92
N ASP B 398 -15.42 30.74 22.06
CA ASP B 398 -16.65 30.96 22.87
C ASP B 398 -17.90 30.66 22.03
N GLY B 399 -17.90 30.94 20.73
CA GLY B 399 -19.06 30.66 19.86
C GLY B 399 -19.28 29.17 19.65
N PRO B 400 -20.35 28.54 20.20
CA PRO B 400 -20.54 27.11 20.05
C PRO B 400 -20.37 26.64 18.59
N LEU B 401 -21.23 27.10 17.66
CA LEU B 401 -21.23 26.60 16.27
C LEU B 401 -19.83 26.77 15.66
N LYS B 402 -19.23 27.93 15.80
CA LYS B 402 -17.98 28.25 15.09
C LYS B 402 -16.77 27.63 15.77
N ALA B 403 -16.78 27.34 17.07
CA ALA B 403 -15.73 26.51 17.72
C ALA B 403 -15.84 25.06 17.19
N ALA B 404 -17.04 24.51 17.13
CA ALA B 404 -17.29 23.16 16.63
C ALA B 404 -16.79 23.02 15.18
N LEU B 405 -17.21 23.92 14.27
CA LEU B 405 -16.79 23.79 12.85
C LEU B 405 -15.28 24.00 12.75
N ASP B 406 -14.65 24.81 13.60
CA ASP B 406 -13.17 24.97 13.50
C ASP B 406 -12.44 23.63 13.85
N VAL B 407 -13.09 22.70 14.53
CA VAL B 407 -12.47 21.36 14.76
C VAL B 407 -12.10 20.74 13.40
N LEU B 408 -12.91 20.96 12.36
CA LEU B 408 -12.69 20.36 11.03
C LEU B 408 -11.38 20.83 10.42
N ARG B 409 -10.94 22.05 10.76
CA ARG B 409 -9.67 22.62 10.27
C ARG B 409 -8.48 22.06 11.08
N ASP B 410 -8.70 21.88 12.38
CA ASP B 410 -7.64 21.45 13.34
C ASP B 410 -7.35 19.95 13.19
N LEU B 411 -8.35 19.13 12.88
CA LEU B 411 -8.28 17.68 12.65
C LEU B 411 -7.57 17.30 11.34
N ARG B 412 -7.22 18.22 10.45
CA ARG B 412 -6.81 17.82 9.08
C ARG B 412 -5.59 16.86 9.13
N ASN B 413 -4.63 17.08 10.03
CA ASN B 413 -3.40 16.24 10.14
C ASN B 413 -3.80 14.80 10.54
N GLU B 414 -4.72 14.64 11.50
CA GLU B 414 -5.24 13.32 11.90
C GLU B 414 -5.96 12.70 10.71
N LEU B 415 -6.77 13.47 9.98
CA LEU B 415 -7.57 12.85 8.88
C LEU B 415 -6.62 12.49 7.73
N ARG B 416 -5.59 13.26 7.48
CA ARG B 416 -4.57 12.93 6.46
C ARG B 416 -3.94 11.56 6.79
N LEU B 417 -3.54 11.33 8.05
CA LEU B 417 -2.89 10.05 8.46
C LEU B 417 -3.88 8.92 8.24
N VAL B 418 -5.19 9.17 8.34
CA VAL B 418 -6.19 8.09 8.13
C VAL B 418 -6.36 7.81 6.64
N VAL B 419 -6.52 8.83 5.79
CA VAL B 419 -7.03 8.60 4.41
C VAL B 419 -5.88 8.54 3.39
N ASP B 420 -4.73 9.17 3.66
CA ASP B 420 -3.62 9.24 2.66
C ASP B 420 -3.07 7.85 2.31
N HIS B 421 -2.35 7.67 1.20
CA HIS B 421 -1.57 6.44 0.89
C HIS B 421 -2.53 5.25 0.99
N ARG B 422 -3.72 5.40 0.42
CA ARG B 422 -4.71 4.30 0.31
C ARG B 422 -5.20 3.85 1.68
N GLY B 423 -5.55 4.81 2.54
CA GLY B 423 -6.19 4.50 3.84
C GLY B 423 -7.63 4.07 3.77
N LEU B 424 -8.31 4.23 2.63
CA LEU B 424 -9.75 3.90 2.45
C LEU B 424 -9.93 2.87 1.33
N ARG B 425 -11.01 2.12 1.38
CA ARG B 425 -11.47 1.36 0.18
C ARG B 425 -11.69 2.36 -0.97
N GLY B 426 -11.64 1.88 -2.20
CA GLY B 426 -11.64 2.71 -3.41
C GLY B 426 -12.96 3.45 -3.58
N ASP B 427 -14.09 2.76 -3.56
CA ASP B 427 -15.31 3.54 -3.85
C ASP B 427 -15.79 4.28 -2.59
N SER B 428 -15.20 4.10 -1.41
CA SER B 428 -15.43 5.02 -0.27
C SER B 428 -14.66 6.30 -0.51
N ARG B 429 -13.44 6.18 -1.03
CA ARG B 429 -12.63 7.35 -1.39
C ARG B 429 -13.41 8.15 -2.45
N ARG B 430 -13.95 7.47 -3.46
CA ARG B 430 -14.69 8.15 -4.54
C ARG B 430 -15.99 8.76 -3.96
N ASP B 431 -16.81 7.96 -3.32
CA ASP B 431 -18.23 8.33 -3.06
C ASP B 431 -18.36 9.07 -1.73
N HIS B 432 -17.59 8.72 -0.71
CA HIS B 432 -17.74 9.33 0.63
C HIS B 432 -16.78 10.50 0.79
N LEU B 433 -15.52 10.36 0.38
CA LEU B 433 -14.55 11.46 0.66
C LEU B 433 -14.57 12.48 -0.50
N ASP B 434 -14.19 12.08 -1.72
CA ASP B 434 -14.07 13.01 -2.86
C ASP B 434 -15.43 13.70 -3.16
N ARG B 435 -16.55 13.00 -3.12
CA ARG B 435 -17.82 13.54 -3.62
C ARG B 435 -18.77 13.94 -2.47
N TRP B 436 -18.40 13.82 -1.20
CA TRP B 436 -19.30 14.16 -0.07
C TRP B 436 -18.51 14.94 0.99
N TYR B 437 -17.55 14.32 1.68
CA TYR B 437 -16.93 14.98 2.86
C TYR B 437 -16.02 16.13 2.43
N THR B 438 -15.24 16.00 1.37
CA THR B 438 -14.27 17.06 1.02
C THR B 438 -15.03 18.37 0.78
N PRO B 439 -16.07 18.38 -0.09
CA PRO B 439 -16.82 19.61 -0.37
C PRO B 439 -17.65 20.09 0.84
N LEU B 440 -18.22 19.18 1.65
CA LEU B 440 -18.91 19.60 2.91
C LEU B 440 -17.90 20.27 3.84
N ASN B 441 -16.70 19.72 3.95
CA ASN B 441 -15.63 20.24 4.84
C ASN B 441 -15.20 21.62 4.37
N ALA B 442 -15.02 21.82 3.07
CA ALA B 442 -14.59 23.13 2.51
C ALA B 442 -15.66 24.18 2.83
N PHE B 443 -16.93 23.81 2.61
CA PHE B 443 -18.11 24.67 2.81
C PHE B 443 -18.16 25.09 4.29
N LEU B 444 -17.85 24.16 5.21
CA LEU B 444 -18.00 24.43 6.65
C LEU B 444 -16.76 25.10 7.24
N SER B 445 -15.55 24.78 6.76
CA SER B 445 -14.32 25.13 7.52
C SER B 445 -13.26 25.81 6.66
N ILE B 446 -13.41 25.87 5.33
CA ILE B 446 -12.42 26.57 4.45
C ILE B 446 -13.16 27.71 3.70
N GLY B 447 -13.98 28.43 4.45
CA GLY B 447 -14.73 29.57 3.91
C GLY B 447 -13.98 30.84 4.22
N PRO B 448 -14.63 32.00 3.97
CA PRO B 448 -13.94 33.28 4.05
C PRO B 448 -14.06 33.91 5.41
N PRO B 449 -13.29 34.98 5.59
CA PRO B 449 -13.36 35.79 6.80
C PRO B 449 -14.79 36.34 6.99
N ARG B 450 -15.23 36.53 8.23
CA ARG B 450 -16.54 37.13 8.59
C ARG B 450 -16.85 38.41 7.78
N ARG B 451 -15.90 39.33 7.67
CA ARG B 451 -15.98 40.58 6.87
C ARG B 451 -16.59 40.28 5.50
N ARG B 452 -16.15 39.22 4.82
CA ARG B 452 -16.59 38.92 3.44
C ARG B 452 -18.07 38.55 3.42
N ILE B 453 -18.56 37.92 4.47
CA ILE B 453 -20.00 37.56 4.55
C ILE B 453 -20.82 38.83 4.86
N GLU B 454 -20.30 39.75 5.66
CA GLU B 454 -20.98 41.03 5.94
C GLU B 454 -21.06 41.87 4.66
N GLU B 455 -19.99 41.89 3.87
CA GLU B 455 -19.93 42.62 2.60
C GLU B 455 -20.95 42.00 1.65
N LEU B 456 -20.99 40.67 1.55
CA LEU B 456 -21.89 39.98 0.59
C LEU B 456 -23.33 40.39 0.97
N THR B 457 -23.62 40.46 2.25
CA THR B 457 -24.97 40.76 2.76
C THR B 457 -25.34 42.18 2.28
N ALA B 458 -24.42 43.12 2.44
CA ALA B 458 -24.59 44.51 1.99
C ALA B 458 -24.82 44.55 0.47
N LEU B 459 -24.16 43.68 -0.29
CA LEU B 459 -24.27 43.67 -1.77
C LEU B 459 -25.61 43.07 -2.14
N LEU B 460 -26.12 42.17 -1.36
CA LEU B 460 -27.47 41.59 -1.65
C LEU B 460 -28.54 42.66 -1.37
N GLU B 461 -28.39 43.41 -0.28
CA GLU B 461 -29.28 44.53 0.14
C GLU B 461 -29.30 45.63 -0.93
N ALA B 462 -28.17 45.96 -1.53
CA ALA B 462 -28.08 47.02 -2.56
C ALA B 462 -28.46 46.51 -3.96
N GLY B 463 -28.71 45.20 -4.10
CA GLY B 463 -29.01 44.51 -5.37
C GLY B 463 -27.84 44.39 -6.36
N VAL B 464 -26.59 44.60 -5.96
CA VAL B 464 -25.40 44.45 -6.85
C VAL B 464 -25.12 42.94 -7.13
N VAL B 465 -25.42 42.06 -6.18
CA VAL B 465 -25.23 40.59 -6.32
C VAL B 465 -26.61 40.00 -6.08
N GLU B 466 -26.94 39.01 -6.87
CA GLU B 466 -28.09 38.11 -6.62
C GLU B 466 -27.56 36.66 -6.63
N VAL B 467 -27.86 35.89 -5.61
CA VAL B 467 -27.57 34.43 -5.53
C VAL B 467 -28.80 33.69 -6.00
N LEU B 468 -28.66 32.86 -7.04
CA LEU B 468 -29.82 32.30 -7.79
C LEU B 468 -30.55 31.21 -7.00
N GLY B 469 -29.81 30.39 -6.27
CA GLY B 469 -30.44 29.25 -5.55
C GLY B 469 -29.84 27.88 -5.87
N PRO B 470 -30.23 26.84 -5.12
CA PRO B 470 -29.59 25.52 -5.23
C PRO B 470 -29.70 24.88 -6.63
N ARG B 471 -28.78 23.97 -6.92
CA ARG B 471 -28.75 23.11 -8.14
C ARG B 471 -28.73 23.98 -9.37
N LEU B 472 -27.92 25.03 -9.34
CA LEU B 472 -27.71 25.93 -10.50
C LEU B 472 -27.71 25.09 -11.76
N GLU B 473 -28.57 25.40 -12.76
CA GLU B 473 -28.47 24.88 -14.14
C GLU B 473 -28.08 26.01 -15.11
N VAL B 474 -27.21 25.73 -16.06
CA VAL B 474 -26.74 26.69 -17.11
C VAL B 474 -26.88 25.97 -18.44
N THR B 475 -27.51 26.61 -19.42
CA THR B 475 -27.74 26.09 -20.79
C THR B 475 -27.20 27.15 -21.73
N ARG B 476 -26.70 26.74 -22.88
CA ARG B 476 -26.32 27.63 -24.00
C ARG B 476 -27.59 28.01 -24.74
N GLU B 477 -27.74 29.28 -25.09
CA GLU B 477 -28.92 29.76 -25.84
C GLU B 477 -28.38 30.72 -26.87
N ASP B 478 -29.25 31.08 -27.78
CA ASP B 478 -29.00 32.10 -28.82
C ASP B 478 -28.63 33.44 -28.17
N GLY B 479 -27.39 33.89 -28.34
CA GLY B 479 -26.88 35.16 -27.80
C GLY B 479 -26.61 35.17 -26.30
N ALA B 480 -26.69 34.05 -25.57
CA ALA B 480 -26.47 34.10 -24.09
C ALA B 480 -26.33 32.72 -23.45
N TRP B 481 -25.99 32.71 -22.16
CA TRP B 481 -26.29 31.52 -21.33
C TRP B 481 -27.58 31.81 -20.53
N LEU B 482 -28.38 30.79 -20.31
CA LEU B 482 -29.53 30.82 -19.37
C LEU B 482 -29.16 30.11 -18.07
N ALA B 483 -29.21 30.80 -16.96
CA ALA B 483 -29.03 30.26 -15.59
C ALA B 483 -30.36 30.29 -14.83
N ARG B 484 -30.65 29.21 -14.10
CA ARG B 484 -31.78 29.16 -13.14
C ARG B 484 -31.49 28.15 -12.03
N SER B 485 -32.30 28.21 -10.99
CA SER B 485 -32.41 27.18 -9.93
C SER B 485 -33.74 26.47 -10.07
N PRO B 486 -33.77 25.13 -10.17
CA PRO B 486 -35.04 24.40 -10.16
C PRO B 486 -35.75 24.43 -8.80
N ASP B 487 -35.13 24.98 -7.76
CA ASP B 487 -35.73 25.12 -6.40
C ASP B 487 -36.25 26.56 -6.16
N VAL B 488 -36.00 27.49 -7.08
CA VAL B 488 -36.41 28.90 -6.91
C VAL B 488 -37.12 29.35 -8.18
N PRO B 489 -38.46 29.22 -8.22
CA PRO B 489 -39.21 29.67 -9.39
C PRO B 489 -38.88 31.14 -9.68
N GLY B 490 -38.84 31.49 -10.96
CA GLY B 490 -38.62 32.87 -11.43
C GLY B 490 -37.19 33.32 -11.27
N SER B 491 -36.24 32.40 -11.31
CA SER B 491 -34.82 32.78 -11.10
C SER B 491 -34.09 32.85 -12.45
N ALA B 492 -34.72 32.41 -13.54
CA ALA B 492 -34.12 32.44 -14.91
C ALA B 492 -33.55 33.82 -15.23
N VAL B 493 -32.35 33.84 -15.79
CA VAL B 493 -31.61 35.05 -16.16
C VAL B 493 -30.66 34.68 -17.30
N ARG B 494 -30.63 35.48 -18.35
CA ARG B 494 -29.72 35.34 -19.49
C ARG B 494 -28.52 36.23 -19.19
N VAL B 495 -27.31 35.65 -19.26
CA VAL B 495 -26.03 36.36 -18.98
C VAL B 495 -25.15 36.34 -20.24
N THR B 496 -24.28 37.34 -20.37
CA THR B 496 -23.37 37.47 -21.54
C THR B 496 -21.91 37.24 -21.10
N THR B 497 -21.65 37.14 -19.80
CA THR B 497 -20.37 36.64 -19.22
C THR B 497 -20.61 35.44 -18.30
N LEU B 498 -19.89 34.34 -18.54
CA LEU B 498 -19.90 33.15 -17.65
C LEU B 498 -18.49 32.97 -17.10
N ILE B 499 -18.36 33.10 -15.77
CA ILE B 499 -17.09 32.89 -15.02
C ILE B 499 -17.18 31.58 -14.24
N GLU B 500 -16.27 30.64 -14.51
CA GLU B 500 -16.12 29.40 -13.71
C GLU B 500 -15.31 29.82 -12.49
N ALA B 501 -16.02 30.15 -11.40
CA ALA B 501 -15.41 30.75 -10.20
C ALA B 501 -14.86 29.60 -9.31
N ARG B 502 -13.76 28.94 -9.73
CA ARG B 502 -13.07 27.85 -8.98
C ARG B 502 -11.71 27.64 -9.62
N LEU B 503 -10.69 27.17 -8.87
CA LEU B 503 -9.38 26.76 -9.46
C LEU B 503 -9.52 25.48 -10.27
N PRO B 504 -8.61 25.24 -11.22
CA PRO B 504 -8.46 23.90 -11.79
C PRO B 504 -8.08 22.87 -10.70
N GLU B 505 -8.68 21.67 -10.71
CA GLU B 505 -8.32 20.51 -9.88
C GLU B 505 -7.06 19.85 -10.43
N PRO B 506 -6.14 19.40 -9.56
CA PRO B 506 -5.03 18.52 -9.97
C PRO B 506 -5.55 17.32 -10.77
N ASP B 507 -5.01 17.07 -11.97
CA ASP B 507 -5.48 16.02 -12.90
C ASP B 507 -4.35 15.62 -13.86
N LEU B 508 -3.60 14.57 -13.53
CA LEU B 508 -2.46 14.12 -14.37
C LEU B 508 -2.95 13.76 -15.78
N GLY B 509 -4.04 13.02 -15.91
CA GLY B 509 -4.63 12.61 -17.20
C GLY B 509 -4.98 13.81 -18.10
N GLN B 510 -5.21 14.98 -17.55
CA GLN B 510 -5.63 16.15 -18.36
C GLN B 510 -4.64 17.27 -18.17
N THR B 511 -3.43 17.03 -17.67
CA THR B 511 -2.57 18.19 -17.30
C THR B 511 -2.21 18.97 -18.57
N ALA B 512 -1.97 20.27 -18.43
CA ALA B 512 -1.45 21.16 -19.50
C ALA B 512 -0.02 21.56 -19.16
N ASP B 513 0.58 21.00 -18.10
CA ASP B 513 2.03 21.23 -17.84
C ASP B 513 2.83 20.28 -18.77
N ALA B 514 3.70 20.82 -19.61
CA ALA B 514 4.51 20.05 -20.58
C ALA B 514 5.41 19.01 -19.85
N LEU B 515 5.98 19.33 -18.69
CA LEU B 515 6.90 18.43 -17.95
C LEU B 515 6.10 17.21 -17.46
N LEU B 516 5.01 17.42 -16.76
CA LEU B 516 4.14 16.30 -16.30
C LEU B 516 3.62 15.49 -17.48
N ALA B 517 3.23 16.13 -18.57
CA ALA B 517 2.75 15.37 -19.75
C ALA B 517 3.91 14.48 -20.27
N HIS B 518 5.11 15.03 -20.34
CA HIS B 518 6.31 14.29 -20.83
C HIS B 518 6.57 13.06 -19.94
N LEU B 519 6.60 13.26 -18.63
CA LEU B 519 6.75 12.14 -17.65
C LEU B 519 5.64 11.13 -17.90
N ARG B 520 4.39 11.57 -18.13
CA ARG B 520 3.25 10.62 -18.30
C ARG B 520 3.48 9.79 -19.58
N GLU B 521 3.81 10.44 -20.69
CA GLU B 521 3.91 9.82 -22.03
C GLU B 521 5.13 8.89 -22.11
N THR B 522 6.21 9.13 -21.36
CA THR B 522 7.42 8.27 -21.35
C THR B 522 7.34 7.20 -20.27
N GLY B 523 6.24 7.06 -19.53
CA GLY B 523 6.11 6.04 -18.46
C GLY B 523 6.98 6.33 -17.21
N GLN B 524 7.32 7.58 -16.91
CA GLN B 524 8.15 7.99 -15.75
C GLN B 524 7.30 8.44 -14.54
N CYS B 525 5.99 8.46 -14.65
CA CYS B 525 5.06 8.72 -13.52
C CYS B 525 3.78 7.94 -13.83
N ARG B 526 2.86 7.84 -12.89
CA ARG B 526 1.54 7.18 -13.12
C ARG B 526 0.54 7.86 -12.21
N ALA B 527 -0.73 7.74 -12.55
CA ALA B 527 -1.84 8.19 -11.69
C ALA B 527 -1.83 7.36 -10.39
N HIS B 528 -2.07 8.00 -9.25
CA HIS B 528 -2.40 7.34 -7.97
C HIS B 528 -3.77 6.65 -8.04
N VAL B 529 -3.78 5.32 -7.91
CA VAL B 529 -5.01 4.50 -7.94
C VAL B 529 -5.21 3.91 -6.55
N VAL B 530 -6.44 3.97 -6.04
CA VAL B 530 -6.87 3.36 -4.75
C VAL B 530 -7.90 2.30 -5.10
N ASP B 531 -7.51 1.04 -4.99
CA ASP B 531 -8.44 -0.11 -5.03
C ASP B 531 -9.43 0.12 -6.17
N GLY B 532 -8.96 0.31 -7.41
CA GLY B 532 -9.81 0.47 -8.60
C GLY B 532 -10.24 1.91 -8.92
N TYR B 533 -10.07 2.88 -8.04
CA TYR B 533 -10.45 4.28 -8.33
C TYR B 533 -9.21 5.09 -8.71
N THR B 534 -9.21 5.65 -9.91
CA THR B 534 -8.12 6.52 -10.41
C THR B 534 -8.33 7.94 -9.91
N THR B 535 -7.43 8.47 -9.09
CA THR B 535 -7.47 9.88 -8.62
C THR B 535 -6.81 10.76 -9.68
N GLY B 536 -6.73 12.04 -9.37
CA GLY B 536 -6.07 13.03 -10.24
C GLY B 536 -4.60 13.20 -9.92
N GLY B 537 -4.15 12.55 -8.84
CA GLY B 537 -2.79 12.71 -8.27
C GLY B 537 -1.70 11.92 -9.03
N ILE B 538 -0.48 12.42 -8.98
CA ILE B 538 0.76 11.72 -9.43
C ILE B 538 1.18 10.77 -8.30
N ASP B 539 1.50 9.52 -8.60
CA ASP B 539 1.84 8.50 -7.57
C ASP B 539 3.26 8.77 -7.03
N VAL B 540 3.40 8.75 -5.70
CA VAL B 540 4.67 8.92 -4.94
C VAL B 540 4.68 7.87 -3.82
N SER B 541 5.88 7.49 -3.39
CA SER B 541 6.12 6.61 -2.23
C SER B 541 5.69 7.34 -0.97
N ALA B 542 5.66 6.64 0.14
CA ALA B 542 5.69 7.26 1.48
C ALA B 542 6.87 8.23 1.57
N ARG B 543 6.78 9.14 2.51
CA ARG B 543 7.84 10.12 2.81
C ARG B 543 9.18 9.40 2.72
N PRO B 544 10.21 9.89 2.02
CA PRO B 544 10.25 11.24 1.43
C PRO B 544 9.73 11.49 0.00
N TYR B 545 8.81 10.68 -0.47
CA TYR B 545 7.94 10.95 -1.65
C TYR B 545 8.72 10.80 -2.95
N HIS B 546 9.28 9.61 -3.15
CA HIS B 546 9.98 9.28 -4.41
C HIS B 546 8.90 9.26 -5.50
N LEU B 547 9.19 9.78 -6.68
CA LEU B 547 8.28 9.63 -7.83
C LEU B 547 8.25 8.16 -8.30
N VAL B 548 7.05 7.61 -8.50
CA VAL B 548 6.83 6.18 -8.86
C VAL B 548 6.63 6.12 -10.38
N ASP B 549 7.31 5.20 -11.07
CA ASP B 549 7.21 5.10 -12.54
C ASP B 549 5.96 4.29 -12.91
N ARG B 550 5.71 4.14 -14.21
CA ARG B 550 4.55 3.39 -14.74
C ARG B 550 4.54 1.94 -14.19
N GLU B 551 5.68 1.34 -13.88
CA GLU B 551 5.76 -0.07 -13.38
C GLU B 551 5.49 -0.14 -11.88
N GLY B 552 5.73 0.95 -11.17
CA GLY B 552 5.50 0.99 -9.72
C GLY B 552 6.79 1.12 -8.94
N VAL B 553 7.90 1.40 -9.59
CA VAL B 553 9.21 1.50 -8.88
C VAL B 553 9.47 2.95 -8.52
N ALA B 554 9.78 3.18 -7.26
CA ALA B 554 10.29 4.46 -6.71
C ALA B 554 11.59 4.83 -7.43
N HIS B 555 11.64 5.99 -8.04
CA HIS B 555 12.91 6.58 -8.52
C HIS B 555 13.75 7.00 -7.33
N PRO B 556 15.01 6.56 -7.27
CA PRO B 556 15.91 6.97 -6.18
C PRO B 556 16.32 8.44 -6.19
N ARG B 557 16.26 9.13 -7.33
CA ARG B 557 16.76 10.53 -7.44
C ARG B 557 15.65 11.53 -7.87
N ARG B 558 14.38 11.19 -7.74
CA ARG B 558 13.25 12.10 -8.06
C ARG B 558 12.23 12.08 -6.95
N PHE B 559 11.82 13.26 -6.54
CA PHE B 559 10.85 13.49 -5.44
C PHE B 559 9.76 14.46 -5.94
N ALA B 560 8.53 14.23 -5.51
CA ALA B 560 7.36 15.11 -5.81
C ALA B 560 6.58 15.38 -4.54
N PHE B 561 6.27 16.64 -4.34
CA PHE B 561 5.82 17.22 -3.06
C PHE B 561 4.74 18.28 -3.40
N GLY B 562 3.54 18.06 -2.88
CA GLY B 562 2.49 19.10 -2.70
C GLY B 562 1.28 18.88 -3.60
N VAL B 563 0.86 19.92 -4.31
CA VAL B 563 -0.50 19.96 -4.92
C VAL B 563 -0.68 18.86 -5.97
N PRO B 564 0.28 18.58 -6.88
CA PRO B 564 0.07 17.51 -7.84
C PRO B 564 -0.14 16.10 -7.26
N THR B 565 0.08 15.92 -5.94
CA THR B 565 -0.05 14.60 -5.27
C THR B 565 -1.42 14.46 -4.65
N GLU B 566 -2.32 15.43 -4.84
CA GLU B 566 -3.70 15.36 -4.30
C GLU B 566 -4.33 14.03 -4.76
N GLY B 567 -4.79 13.22 -3.81
CA GLY B 567 -5.30 11.85 -4.04
C GLY B 567 -4.44 10.87 -3.26
N VAL B 568 -3.13 10.91 -3.49
CA VAL B 568 -2.16 10.35 -2.51
C VAL B 568 -2.37 11.06 -1.19
N HIS B 569 -2.41 12.41 -1.27
CA HIS B 569 -2.51 13.30 -0.08
C HIS B 569 -3.83 14.09 -0.11
N TRP B 570 -4.38 14.36 1.06
CA TRP B 570 -5.69 15.06 1.17
C TRP B 570 -5.49 16.52 1.59
N VAL B 571 -6.04 17.45 0.82
CA VAL B 571 -6.01 18.91 1.12
C VAL B 571 -4.56 19.36 1.12
N THR B 572 -3.93 19.24 -0.04
CA THR B 572 -2.57 19.73 -0.28
C THR B 572 -2.54 21.25 -0.43
N ALA B 573 -3.68 21.91 -0.64
CA ALA B 573 -3.76 23.36 -0.89
C ALA B 573 -3.92 24.09 0.47
N ALA B 574 -2.82 24.22 1.22
CA ALA B 574 -2.75 24.78 2.60
C ALA B 574 -1.29 25.02 2.93
N GLY B 575 -0.98 26.20 3.47
CA GLY B 575 0.37 26.56 3.93
C GLY B 575 0.66 26.04 5.34
N ALA B 576 1.92 26.13 5.71
CA ALA B 576 2.50 25.71 7.01
C ALA B 576 1.92 26.55 8.17
N ARG B 577 1.44 25.92 9.24
CA ARG B 577 1.14 26.61 10.53
C ARG B 577 2.33 26.54 11.48
N PRO B 578 2.64 27.63 12.21
CA PRO B 578 3.61 27.57 13.30
C PRO B 578 3.01 26.85 14.52
N GLY B 579 3.90 26.17 15.29
CA GLY B 579 3.66 25.56 16.61
C GLY B 579 2.65 24.43 16.66
N VAL B 580 2.41 23.68 15.57
CA VAL B 580 1.49 22.49 15.56
C VAL B 580 2.22 21.26 15.01
N ASP B 581 3.56 21.25 14.96
CA ASP B 581 4.33 20.17 14.28
C ASP B 581 3.85 20.04 12.82
N SER B 582 4.00 21.11 12.05
CA SER B 582 3.56 21.22 10.63
C SER B 582 4.05 20.02 9.80
N VAL B 583 3.15 19.27 9.18
CA VAL B 583 3.51 18.15 8.27
C VAL B 583 4.16 18.74 7.03
N THR B 584 3.81 19.96 6.61
CA THR B 584 4.39 20.58 5.40
C THR B 584 5.88 20.92 5.60
N LEU B 585 6.22 21.45 6.77
CA LEU B 585 7.64 21.76 7.13
C LEU B 585 8.44 20.45 7.33
N SER B 586 7.91 19.43 8.01
CA SER B 586 8.68 18.17 8.18
C SER B 586 8.71 17.40 6.84
N ASP B 587 7.76 17.59 5.95
CA ASP B 587 7.83 16.90 4.63
C ASP B 587 9.03 17.48 3.89
N ALA B 588 9.18 18.81 3.97
CA ALA B 588 10.18 19.52 3.16
C ALA B 588 11.55 19.13 3.71
N ASP B 589 11.66 19.05 5.02
CA ASP B 589 12.89 18.54 5.70
C ASP B 589 13.24 17.13 5.18
N ALA B 590 12.28 16.21 5.16
CA ALA B 590 12.57 14.83 4.73
C ALA B 590 13.07 14.81 3.29
N VAL B 591 12.47 15.64 2.44
CA VAL B 591 12.79 15.65 0.98
C VAL B 591 14.22 16.19 0.86
N ALA B 592 14.57 17.31 1.51
CA ALA B 592 15.92 17.91 1.42
C ALA B 592 16.99 16.88 1.84
N ARG B 593 16.80 16.22 2.98
CA ARG B 593 17.75 15.21 3.50
C ARG B 593 17.82 14.01 2.54
N ALA B 594 16.71 13.51 2.01
CA ALA B 594 16.80 12.40 1.05
C ALA B 594 17.60 12.86 -0.18
N VAL B 595 17.39 14.10 -0.64
CA VAL B 595 18.16 14.66 -1.80
C VAL B 595 19.66 14.65 -1.47
N LEU B 596 20.04 15.24 -0.34
CA LEU B 596 21.47 15.33 0.07
C LEU B 596 22.10 13.93 0.20
N ARG B 597 21.39 12.94 0.74
CA ARG B 597 21.91 11.57 0.89
C ARG B 597 22.10 10.88 -0.47
N VAL B 598 21.14 10.94 -1.39
N VAL B 598 21.14 10.93 -1.39
CA VAL B 598 21.33 10.20 -2.68
CA VAL B 598 21.33 10.21 -2.68
C VAL B 598 22.41 10.91 -3.49
C VAL B 598 22.45 10.90 -3.44
N ALA B 599 22.55 12.21 -3.31
CA ALA B 599 23.56 13.00 -4.03
C ALA B 599 25.00 12.56 -3.66
N GLY B 600 25.27 11.99 -2.45
CA GLY B 600 26.61 11.81 -1.85
C GLY B 600 27.11 10.37 -1.78
#